data_4S23
#
_entry.id   4S23
#
_cell.length_a   63.250
_cell.length_b   63.250
_cell.length_c   372.120
_cell.angle_alpha   90.00
_cell.angle_beta   90.00
_cell.angle_gamma   120.00
#
_symmetry.space_group_name_H-M   'P 61'
#
loop_
_entity.id
_entity.type
_entity.pdbx_description
1 polymer '4-hydroxy-3-methylbut-2-en-1-yl diphosphate synthase'
2 non-polymer 'IRON/SULFUR CLUSTER'
3 non-polymer '2-(N-MORPHOLINO)-ETHANESULFONIC ACID'
4 non-polymer '(2E)-4-hydroxy-3-methylbut-2-en-1-yl trihydrogen diphosphate'
5 water water
#
_entity_poly.entity_id   1
_entity_poly.type   'polypeptide(L)'
_entity_poly.pdbx_seq_one_letter_code
;MEGMRRPTPTVYVGRVPIGGAHPIAVQSMTNTPTRDVEATTAQVLELHRAGSEIVRLTVNDEEAAKAVPEIKRRLLAEGV
EVPLVGDFHFNGHLLLRKYPKMAEALDKFRINPGTLGRGRHKDEHFAEMIRIAMDLGKPVRIGANWGSLDPALLTELMDR
NASRPEPKSAHEVVLEALVESAVRAYEAALEMGLGEDKLVLSAKVSKARDLVWVYRELARRTQAPLHLGLTEAGMGVKGI
VASAAALAPLLLEGIGDTIRVSLTPSPKEPRTKEVEVAQEILQALGLRAFAPEVTSCPGCGRTTSTFFQELAEEVSRRLK
ERLPEWRARYPGVEELKVAVMGCVVNGPGESKHAHIGISLPGAGEEPKAPVYADGKLLTILKGEGIAEEFLRLVEDYVKT
RFAPKA
;
_entity_poly.pdbx_strand_id   A,B
#
loop_
_chem_comp.id
_chem_comp.type
_chem_comp.name
_chem_comp.formula
H6P non-polymer '(2E)-4-hydroxy-3-methylbut-2-en-1-yl trihydrogen diphosphate' 'C5 H12 O8 P2'
MES non-polymer '2-(N-MORPHOLINO)-ETHANESULFONIC ACID' 'C6 H13 N O4 S'
SF4 non-polymer 'IRON/SULFUR CLUSTER' 'Fe4 S4'
#
# COMPACT_ATOMS: atom_id res chain seq x y z
N GLU A 2 -6.76 9.51 17.03
CA GLU A 2 -6.07 8.25 17.35
C GLU A 2 -4.59 8.35 17.75
N GLY A 3 -3.78 9.25 17.19
CA GLY A 3 -4.11 10.21 16.14
C GLY A 3 -2.87 11.00 15.73
N MET A 4 -2.94 12.32 15.78
CA MET A 4 -4.16 13.05 16.07
C MET A 4 -4.63 13.67 14.76
N ARG A 5 -5.91 14.04 14.68
CA ARG A 5 -6.44 14.61 13.43
C ARG A 5 -6.15 16.08 13.29
N ARG A 6 -5.72 16.49 12.11
CA ARG A 6 -5.64 17.91 11.79
C ARG A 6 -7.04 18.48 11.95
N PRO A 7 -7.17 19.53 12.78
CA PRO A 7 -8.46 20.16 13.04
C PRO A 7 -9.00 20.90 11.82
N THR A 8 -10.26 20.68 11.49
CA THR A 8 -10.91 21.37 10.39
C THR A 8 -12.37 21.60 10.74
N PRO A 9 -12.98 22.63 10.15
CA PRO A 9 -14.45 22.72 10.23
C PRO A 9 -15.09 21.48 9.62
N THR A 10 -16.36 21.28 9.92
CA THR A 10 -17.12 20.14 9.38
C THR A 10 -17.88 20.54 8.12
N VAL A 11 -17.72 19.77 7.06
CA VAL A 11 -18.50 19.99 5.85
C VAL A 11 -19.43 18.80 5.68
N TYR A 12 -20.72 19.09 5.66
CA TYR A 12 -21.70 18.04 5.50
C TYR A 12 -21.95 17.74 4.04
N VAL A 13 -21.56 16.55 3.63
CA VAL A 13 -21.93 16.08 2.30
C VAL A 13 -23.17 15.22 2.42
N GLY A 14 -24.33 15.79 2.11
CA GLY A 14 -25.57 15.16 2.50
C GLY A 14 -25.54 15.06 4.01
N ARG A 15 -25.83 13.86 4.52
CA ARG A 15 -25.76 13.59 5.95
C ARG A 15 -24.37 13.18 6.38
N VAL A 16 -23.43 13.11 5.45
CA VAL A 16 -22.07 12.67 5.79
C VAL A 16 -21.17 13.85 6.20
N PRO A 17 -20.80 13.91 7.48
CA PRO A 17 -19.89 14.95 7.96
C PRO A 17 -18.41 14.65 7.68
N ILE A 18 -17.76 15.63 7.07
CA ILE A 18 -16.33 15.57 6.77
C ILE A 18 -15.57 16.63 7.54
N GLY A 19 -14.53 16.22 8.26
CA GLY A 19 -13.76 17.15 9.04
C GLY A 19 -12.95 16.47 10.14
N GLY A 20 -12.09 17.24 10.81
CA GLY A 20 -11.18 16.71 11.79
C GLY A 20 -11.83 16.01 12.96
N ALA A 21 -13.09 16.32 13.21
CA ALA A 21 -13.84 15.73 14.32
C ALA A 21 -14.67 14.54 13.86
N HIS A 22 -14.44 14.07 12.64
CA HIS A 22 -15.26 12.99 12.09
C HIS A 22 -14.45 11.86 11.44
N PRO A 23 -15.02 10.64 11.44
CA PRO A 23 -14.41 9.51 10.74
C PRO A 23 -14.08 9.86 9.30
N ILE A 24 -12.92 9.41 8.84
CA ILE A 24 -12.50 9.69 7.47
C ILE A 24 -13.40 8.95 6.50
N ALA A 25 -14.03 9.68 5.59
CA ALA A 25 -15.07 9.08 4.77
C ALA A 25 -14.59 8.53 3.44
N VAL A 26 -14.98 7.29 3.19
CA VAL A 26 -14.67 6.61 1.96
C VAL A 26 -15.59 7.05 0.86
N GLN A 27 -15.02 7.38 -0.30
CA GLN A 27 -15.87 7.68 -1.45
C GLN A 27 -15.28 7.05 -2.71
N SER A 28 -16.04 7.13 -3.79
CA SER A 28 -15.67 6.48 -5.02
C SER A 28 -16.26 7.27 -6.16
N MET A 29 -16.09 6.75 -7.38
CA MET A 29 -16.66 7.41 -8.53
C MET A 29 -17.13 6.37 -9.55
N THR A 30 -18.33 6.56 -10.07
CA THR A 30 -18.87 5.70 -11.12
C THR A 30 -18.06 5.85 -12.42
N ASN A 31 -18.20 4.89 -13.34
CA ASN A 31 -17.57 5.01 -14.64
C ASN A 31 -18.56 4.69 -15.75
N THR A 32 -19.83 4.59 -15.37
CA THR A 32 -20.91 4.42 -16.31
C THR A 32 -21.24 5.75 -16.95
N PRO A 33 -21.79 5.72 -18.16
CA PRO A 33 -22.33 6.91 -18.82
C PRO A 33 -23.40 7.53 -17.95
N THR A 34 -23.23 8.78 -17.54
CA THR A 34 -24.17 9.35 -16.57
C THR A 34 -25.58 9.49 -17.17
N ARG A 35 -25.66 9.67 -18.49
CA ARG A 35 -26.93 9.73 -19.23
C ARG A 35 -27.69 8.41 -19.21
N ASP A 36 -26.98 7.33 -18.92
CA ASP A 36 -27.58 6.01 -18.79
C ASP A 36 -28.06 5.90 -17.36
N VAL A 37 -29.32 6.25 -17.13
CA VAL A 37 -29.89 6.25 -15.78
C VAL A 37 -29.84 4.84 -15.17
N GLU A 38 -30.22 3.85 -15.98
CA GLU A 38 -30.32 2.48 -15.51
CA GLU A 38 -30.31 2.46 -15.55
C GLU A 38 -28.98 1.92 -15.06
N ALA A 39 -27.94 2.13 -15.86
CA ALA A 39 -26.59 1.70 -15.54
C ALA A 39 -25.99 2.44 -14.35
N THR A 40 -26.24 3.74 -14.26
CA THR A 40 -25.59 4.57 -13.26
C THR A 40 -26.24 4.42 -11.90
N THR A 41 -27.55 4.31 -11.86
CA THR A 41 -28.21 4.07 -10.57
C THR A 41 -27.72 2.75 -10.00
N ALA A 42 -27.61 1.76 -10.88
CA ALA A 42 -27.16 0.44 -10.51
C ALA A 42 -25.77 0.49 -9.91
N GLN A 43 -24.89 1.26 -10.52
CA GLN A 43 -23.52 1.26 -10.05
C GLN A 43 -23.38 2.07 -8.76
N VAL A 44 -24.13 3.16 -8.65
CA VAL A 44 -24.11 3.91 -7.39
C VAL A 44 -24.54 3.02 -6.22
N LEU A 45 -25.64 2.28 -6.39
CA LEU A 45 -26.07 1.34 -5.36
C LEU A 45 -24.96 0.34 -5.04
N GLU A 46 -24.34 -0.16 -6.10
CA GLU A 46 -23.30 -1.18 -6.01
C GLU A 46 -22.14 -0.67 -5.14
N LEU A 47 -21.70 0.54 -5.46
CA LEU A 47 -20.61 1.18 -4.74
C LEU A 47 -20.97 1.51 -3.30
N HIS A 48 -22.20 1.97 -3.09
CA HIS A 48 -22.67 2.25 -1.73
C HIS A 48 -22.71 0.96 -0.91
N ARG A 49 -23.19 -0.10 -1.55
CA ARG A 49 -23.25 -1.41 -0.92
C ARG A 49 -21.87 -1.89 -0.52
N ALA A 50 -20.87 -1.62 -1.36
CA ALA A 50 -19.53 -2.12 -1.08
C ALA A 50 -18.90 -1.29 0.00
N GLY A 51 -19.51 -0.15 0.30
CA GLY A 51 -19.05 0.68 1.39
C GLY A 51 -18.63 2.09 1.05
N SER A 52 -19.01 2.59 -0.12
CA SER A 52 -18.71 3.96 -0.45
C SER A 52 -19.72 4.87 0.23
N GLU A 53 -19.23 5.72 1.12
CA GLU A 53 -20.11 6.57 1.91
C GLU A 53 -20.57 7.82 1.15
N ILE A 54 -19.83 8.20 0.13
CA ILE A 54 -20.21 9.27 -0.78
C ILE A 54 -19.89 8.73 -2.17
N VAL A 55 -20.71 9.05 -3.17
CA VAL A 55 -20.42 8.61 -4.54
C VAL A 55 -20.44 9.76 -5.54
N ARG A 56 -19.37 9.88 -6.33
CA ARG A 56 -19.24 10.91 -7.34
C ARG A 56 -19.64 10.40 -8.72
N LEU A 57 -20.26 11.26 -9.52
CA LEU A 57 -20.53 10.95 -10.92
C LEU A 57 -20.27 12.15 -11.82
N THR A 58 -19.80 11.87 -13.02
CA THR A 58 -19.46 12.94 -13.94
C THR A 58 -20.74 13.53 -14.47
N VAL A 59 -20.75 14.85 -14.55
CA VAL A 59 -21.85 15.58 -15.14
C VAL A 59 -21.21 16.39 -16.24
N ASN A 60 -20.96 15.73 -17.36
CA ASN A 60 -20.10 16.32 -18.37
C ASN A 60 -20.90 17.01 -19.47
N ASP A 61 -22.20 16.76 -19.53
CA ASP A 61 -23.00 17.38 -20.55
C ASP A 61 -24.48 17.43 -20.22
N GLU A 62 -25.25 17.96 -21.15
CA GLU A 62 -26.68 18.17 -20.96
C GLU A 62 -27.42 16.89 -20.69
N GLU A 63 -27.11 15.86 -21.45
CA GLU A 63 -27.70 14.56 -21.25
C GLU A 63 -27.35 14.02 -19.86
N ALA A 64 -26.10 14.18 -19.44
CA ALA A 64 -25.69 13.74 -18.11
C ALA A 64 -26.48 14.50 -17.08
N ALA A 65 -26.61 15.80 -17.29
CA ALA A 65 -27.32 16.69 -16.37
C ALA A 65 -28.79 16.32 -16.27
N LYS A 66 -29.39 15.94 -17.38
CA LYS A 66 -30.81 15.61 -17.39
C LYS A 66 -31.09 14.33 -16.63
N ALA A 67 -30.06 13.50 -16.47
CA ALA A 67 -30.25 12.22 -15.77
C ALA A 67 -30.11 12.28 -14.25
N VAL A 68 -29.30 13.21 -13.75
CA VAL A 68 -28.97 13.24 -12.31
C VAL A 68 -30.20 13.36 -11.40
N PRO A 69 -31.18 14.23 -11.74
CA PRO A 69 -32.37 14.25 -10.88
C PRO A 69 -33.10 12.91 -10.84
N GLU A 70 -33.10 12.19 -11.96
CA GLU A 70 -33.77 10.90 -12.06
C GLU A 70 -33.01 9.82 -11.29
N ILE A 71 -31.69 9.87 -11.39
CA ILE A 71 -30.83 8.92 -10.66
C ILE A 71 -31.05 9.08 -9.17
N LYS A 72 -31.04 10.32 -8.69
CA LYS A 72 -31.29 10.64 -7.29
C LYS A 72 -32.68 10.20 -6.83
N ARG A 73 -33.67 10.38 -7.69
CA ARG A 73 -35.03 9.96 -7.38
C ARG A 73 -35.09 8.49 -7.08
N ARG A 74 -34.47 7.71 -7.96
CA ARG A 74 -34.51 6.25 -7.87
C ARG A 74 -33.74 5.74 -6.67
N LEU A 75 -32.62 6.37 -6.34
CA LEU A 75 -31.88 6.00 -5.15
C LEU A 75 -32.74 6.19 -3.90
N LEU A 76 -33.42 7.34 -3.84
CA LEU A 76 -34.22 7.70 -2.67
C LEU A 76 -35.45 6.82 -2.47
N ALA A 77 -36.01 6.31 -3.57
CA ALA A 77 -37.17 5.45 -3.50
C ALA A 77 -36.79 4.08 -2.94
N GLU A 78 -35.49 3.84 -2.81
CA GLU A 78 -34.96 2.60 -2.25
C GLU A 78 -34.44 2.84 -0.83
N GLY A 79 -34.63 4.07 -0.36
CA GLY A 79 -34.15 4.41 0.98
C GLY A 79 -32.65 4.55 1.05
N VAL A 80 -32.02 4.75 -0.11
CA VAL A 80 -30.57 4.94 -0.19
C VAL A 80 -30.19 6.39 -0.25
N GLU A 81 -29.70 6.92 0.86
CA GLU A 81 -29.47 8.35 0.95
C GLU A 81 -28.00 8.70 0.76
N VAL A 82 -27.33 7.96 -0.10
CA VAL A 82 -25.93 8.22 -0.41
C VAL A 82 -25.83 9.59 -1.06
N PRO A 83 -24.86 10.40 -0.61
CA PRO A 83 -24.67 11.72 -1.22
C PRO A 83 -24.07 11.61 -2.60
N LEU A 84 -24.58 12.39 -3.56
CA LEU A 84 -23.99 12.44 -4.89
C LEU A 84 -23.12 13.70 -5.10
N VAL A 85 -21.91 13.49 -5.60
CA VAL A 85 -21.03 14.60 -5.98
C VAL A 85 -20.92 14.72 -7.50
N GLY A 86 -21.14 15.93 -8.02
CA GLY A 86 -21.05 16.16 -9.45
C GLY A 86 -19.67 16.64 -9.87
N ASP A 87 -19.07 15.94 -10.82
CA ASP A 87 -17.76 16.26 -11.34
C ASP A 87 -17.94 17.11 -12.57
N PHE A 88 -17.47 18.37 -12.51
CA PHE A 88 -17.64 19.31 -13.63
C PHE A 88 -16.33 19.76 -14.22
N HIS A 89 -16.27 19.77 -15.55
CA HIS A 89 -15.14 20.35 -16.24
C HIS A 89 -15.62 21.08 -17.48
N PHE A 90 -15.07 22.28 -17.68
CA PHE A 90 -15.23 23.13 -18.88
C PHE A 90 -16.55 23.84 -18.95
N ASN A 91 -17.62 23.14 -18.56
CA ASN A 91 -18.96 23.68 -18.77
C ASN A 91 -19.83 23.60 -17.54
N GLY A 92 -19.21 23.50 -16.38
CA GLY A 92 -19.95 23.36 -15.14
C GLY A 92 -20.91 24.51 -14.90
N HIS A 93 -20.50 25.69 -15.33
CA HIS A 93 -21.31 26.88 -15.12
C HIS A 93 -22.55 26.87 -16.01
N LEU A 94 -22.41 26.35 -17.22
CA LEU A 94 -23.52 26.29 -18.15
C LEU A 94 -24.52 25.26 -17.65
N LEU A 95 -24.04 24.08 -17.30
CA LEU A 95 -24.93 23.01 -16.87
C LEU A 95 -25.64 23.39 -15.58
N LEU A 96 -24.92 23.93 -14.62
CA LEU A 96 -25.54 24.30 -13.33
C LEU A 96 -26.57 25.40 -13.48
N ARG A 97 -26.32 26.32 -14.40
CA ARG A 97 -27.25 27.40 -14.70
C ARG A 97 -28.51 26.89 -15.39
N LYS A 98 -28.30 26.10 -16.45
CA LYS A 98 -29.38 25.62 -17.30
C LYS A 98 -30.23 24.52 -16.66
N TYR A 99 -29.62 23.73 -15.78
CA TYR A 99 -30.29 22.59 -15.17
C TYR A 99 -30.31 22.73 -13.65
N PRO A 100 -31.19 23.61 -13.15
CA PRO A 100 -31.26 23.91 -11.72
C PRO A 100 -31.72 22.73 -10.86
N LYS A 101 -32.49 21.82 -11.44
CA LYS A 101 -32.95 20.64 -10.70
C LYS A 101 -31.81 19.66 -10.50
N MET A 102 -30.89 19.65 -11.46
CA MET A 102 -29.68 18.85 -11.35
C MET A 102 -28.83 19.44 -10.22
N ALA A 103 -28.70 20.77 -10.24
CA ALA A 103 -28.00 21.50 -9.20
C ALA A 103 -28.55 21.15 -7.83
N GLU A 104 -29.87 21.00 -7.75
CA GLU A 104 -30.52 20.71 -6.48
C GLU A 104 -30.45 19.23 -6.07
N ALA A 105 -30.53 18.34 -7.06
CA ALA A 105 -30.48 16.91 -6.82
C ALA A 105 -29.10 16.51 -6.27
N LEU A 106 -28.04 17.13 -6.78
CA LEU A 106 -26.69 16.85 -6.30
C LEU A 106 -26.51 17.25 -4.85
N ASP A 107 -25.60 16.57 -4.16
CA ASP A 107 -25.30 16.88 -2.77
C ASP A 107 -24.01 17.67 -2.59
N LYS A 108 -23.28 17.85 -3.69
CA LYS A 108 -22.01 18.55 -3.68
C LYS A 108 -21.56 18.83 -5.09
N PHE A 109 -20.88 19.96 -5.29
CA PHE A 109 -20.30 20.24 -6.59
C PHE A 109 -18.79 20.12 -6.54
N ARG A 110 -18.19 19.50 -7.54
CA ARG A 110 -16.72 19.55 -7.69
C ARG A 110 -16.33 20.56 -8.76
N ILE A 111 -15.41 21.47 -8.39
CA ILE A 111 -14.83 22.41 -9.34
C ILE A 111 -13.34 22.10 -9.52
N ASN A 112 -12.86 22.09 -10.77
CA ASN A 112 -11.44 21.98 -11.03
C ASN A 112 -10.96 23.35 -11.52
N PRO A 113 -10.02 23.98 -10.79
CA PRO A 113 -9.60 25.34 -11.16
C PRO A 113 -8.78 25.40 -12.45
N GLY A 114 -8.48 24.23 -12.99
CA GLY A 114 -7.74 24.15 -14.24
C GLY A 114 -8.62 23.88 -15.43
N THR A 115 -9.89 23.56 -15.19
CA THR A 115 -10.82 23.31 -16.27
C THR A 115 -12.00 24.28 -16.25
N LEU A 116 -11.71 25.54 -15.97
CA LEU A 116 -12.75 26.57 -15.85
C LEU A 116 -13.02 27.29 -17.14
N GLY A 117 -11.96 27.39 -17.93
CA GLY A 117 -11.83 28.40 -18.98
C GLY A 117 -10.46 29.01 -18.85
N ARG A 118 -9.99 29.70 -19.88
CA ARG A 118 -8.59 30.13 -19.90
C ARG A 118 -8.47 31.66 -19.81
N GLY A 119 -8.49 32.22 -18.60
CA GLY A 119 -8.23 33.63 -18.43
C GLY A 119 -9.07 34.38 -17.41
N ARG A 120 -9.91 35.28 -17.89
CA ARG A 120 -10.70 36.16 -17.03
C ARG A 120 -12.17 35.75 -17.00
N HIS A 121 -12.63 35.07 -18.06
CA HIS A 121 -13.94 34.42 -18.05
C HIS A 121 -13.84 33.13 -17.23
N LYS A 122 -12.63 32.70 -16.95
CA LYS A 122 -12.43 31.59 -16.01
C LYS A 122 -12.90 32.03 -14.63
N ASP A 123 -12.70 33.30 -14.29
CA ASP A 123 -13.15 33.81 -13.01
C ASP A 123 -14.67 33.89 -13.01
N GLU A 124 -15.24 34.33 -14.13
CA GLU A 124 -16.68 34.43 -14.24
C GLU A 124 -17.34 33.05 -14.17
N HIS A 125 -16.74 32.05 -14.80
CA HIS A 125 -17.22 30.68 -14.65
C HIS A 125 -17.11 30.18 -13.22
N PHE A 126 -15.98 30.49 -12.58
CA PHE A 126 -15.74 30.13 -11.19
C PHE A 126 -16.78 30.72 -10.26
N ALA A 127 -17.01 32.01 -10.42
CA ALA A 127 -17.94 32.75 -9.57
C ALA A 127 -19.40 32.32 -9.74
N GLU A 128 -19.80 31.98 -10.96
CA GLU A 128 -21.18 31.56 -11.22
C GLU A 128 -21.46 30.29 -10.44
N MET A 129 -20.55 29.34 -10.58
CA MET A 129 -20.68 28.05 -9.93
CA MET A 129 -20.68 28.05 -9.93
C MET A 129 -20.71 28.20 -8.42
N ILE A 130 -19.83 29.05 -7.89
CA ILE A 130 -19.78 29.27 -6.45
C ILE A 130 -21.07 29.93 -5.98
N ARG A 131 -21.52 30.93 -6.73
CA ARG A 131 -22.75 31.65 -6.43
C ARG A 131 -23.97 30.72 -6.42
N ILE A 132 -23.98 29.77 -7.33
CA ILE A 132 -25.08 28.83 -7.39
C ILE A 132 -25.04 27.92 -6.19
N ALA A 133 -23.85 27.51 -5.80
CA ALA A 133 -23.67 26.63 -4.66
C ALA A 133 -24.16 27.29 -3.40
N MET A 134 -23.82 28.56 -3.22
CA MET A 134 -24.25 29.32 -2.05
C MET A 134 -25.74 29.49 -1.97
N ASP A 135 -26.40 29.76 -3.10
CA ASP A 135 -27.85 30.00 -3.07
C ASP A 135 -28.61 28.73 -2.66
N LEU A 136 -28.02 27.57 -2.96
CA LEU A 136 -28.62 26.29 -2.63
C LEU A 136 -28.03 25.73 -1.33
N GLY A 137 -26.96 26.36 -0.87
CA GLY A 137 -26.31 25.91 0.35
C GLY A 137 -25.59 24.60 0.16
N LYS A 138 -25.10 24.37 -1.06
CA LYS A 138 -24.37 23.15 -1.43
C LYS A 138 -22.89 23.24 -1.09
N PRO A 139 -22.31 22.15 -0.60
CA PRO A 139 -20.86 22.14 -0.41
C PRO A 139 -20.15 22.01 -1.74
N VAL A 140 -18.89 22.45 -1.83
CA VAL A 140 -18.07 22.40 -3.05
C VAL A 140 -16.70 21.81 -2.70
N ARG A 141 -16.17 20.94 -3.57
CA ARG A 141 -14.74 20.61 -3.52
C ARG A 141 -14.04 21.41 -4.58
N ILE A 142 -13.03 22.18 -4.19
CA ILE A 142 -12.12 22.75 -5.16
C ILE A 142 -11.00 21.72 -5.27
N GLY A 143 -10.98 21.02 -6.40
CA GLY A 143 -10.03 19.94 -6.57
C GLY A 143 -9.11 20.22 -7.72
N ALA A 144 -7.84 20.45 -7.40
CA ALA A 144 -6.82 20.63 -8.41
C ALA A 144 -6.18 19.27 -8.74
N ASN A 145 -5.66 19.14 -9.94
CA ASN A 145 -5.06 17.90 -10.41
C ASN A 145 -3.96 18.22 -11.42
N TRP A 146 -2.77 17.65 -11.27
CA TRP A 146 -1.65 18.14 -12.08
C TRP A 146 -1.78 17.67 -13.53
N GLY A 147 -2.80 16.87 -13.82
CA GLY A 147 -3.11 16.53 -15.19
C GLY A 147 -3.92 17.61 -15.91
N SER A 148 -4.38 18.59 -15.16
CA SER A 148 -5.14 19.72 -15.69
C SER A 148 -4.74 21.00 -14.94
N LEU A 149 -3.43 21.23 -14.85
CA LEU A 149 -2.86 22.34 -14.12
C LEU A 149 -3.02 23.64 -14.88
N ASP A 150 -3.48 24.66 -14.17
CA ASP A 150 -3.60 26.02 -14.67
C ASP A 150 -2.33 26.51 -15.33
N PRO A 151 -2.34 26.58 -16.67
CA PRO A 151 -1.15 26.91 -17.47
C PRO A 151 -0.58 28.30 -17.19
N ALA A 152 -1.44 29.30 -17.01
CA ALA A 152 -1.00 30.66 -16.73
C ALA A 152 -0.33 30.67 -15.34
N LEU A 153 -0.79 29.79 -14.48
CA LEU A 153 -0.22 29.72 -13.14
C LEU A 153 1.17 29.13 -13.17
N LEU A 154 1.36 28.10 -13.98
CA LEU A 154 2.66 27.47 -14.08
C LEU A 154 3.68 28.46 -14.64
N THR A 155 3.29 29.17 -15.68
CA THR A 155 4.13 30.17 -16.29
C THR A 155 4.56 31.19 -15.24
N GLU A 156 3.60 31.69 -14.48
CA GLU A 156 3.88 32.74 -13.54
C GLU A 156 4.92 32.36 -12.51
N LEU A 157 4.79 31.15 -11.98
CA LEU A 157 5.64 30.70 -10.90
C LEU A 157 6.95 30.24 -11.49
N MET A 158 6.91 29.74 -12.71
CA MET A 158 8.13 29.42 -13.44
C MET A 158 8.98 30.67 -13.65
N ASP A 159 8.35 31.74 -14.12
CA ASP A 159 8.99 33.05 -14.24
C ASP A 159 9.45 33.61 -12.89
N ARG A 160 8.60 33.54 -11.88
CA ARG A 160 8.93 34.00 -10.53
C ARG A 160 10.14 33.24 -9.95
N ASN A 161 10.11 31.92 -10.08
CA ASN A 161 11.19 31.06 -9.62
C ASN A 161 12.50 31.34 -10.31
N ALA A 162 12.42 31.80 -11.56
CA ALA A 162 13.63 32.11 -12.32
C ALA A 162 14.42 33.24 -11.68
N SER A 163 13.83 33.94 -10.73
CA SER A 163 14.51 35.10 -10.15
C SER A 163 14.77 34.92 -8.65
N ARG A 164 14.61 33.69 -8.15
CA ARG A 164 15.07 33.36 -6.80
C ARG A 164 16.58 33.27 -6.85
N PRO A 165 17.26 33.62 -5.75
CA PRO A 165 18.71 33.46 -5.77
C PRO A 165 19.11 32.01 -6.15
N GLU A 166 18.28 31.02 -5.82
CA GLU A 166 18.47 29.65 -6.31
C GLU A 166 17.16 28.96 -6.71
N PRO A 167 16.78 29.08 -7.98
CA PRO A 167 15.54 28.53 -8.52
C PRO A 167 15.36 27.06 -8.23
N LYS A 168 14.12 26.63 -8.02
CA LYS A 168 13.85 25.22 -7.81
C LYS A 168 13.74 24.54 -9.16
N SER A 169 13.72 23.21 -9.16
CA SER A 169 13.60 22.44 -10.40
C SER A 169 12.26 22.70 -11.04
N ALA A 170 12.14 22.45 -12.34
CA ALA A 170 10.86 22.60 -13.01
C ALA A 170 9.81 21.73 -12.34
N HIS A 171 10.23 20.57 -11.85
CA HIS A 171 9.31 19.66 -11.22
C HIS A 171 8.75 20.18 -9.92
N GLU A 172 9.62 20.72 -9.08
CA GLU A 172 9.19 21.22 -7.79
C GLU A 172 8.26 22.41 -7.95
N VAL A 173 8.48 23.22 -8.97
CA VAL A 173 7.60 24.36 -9.22
C VAL A 173 6.21 23.89 -9.65
N VAL A 174 6.16 22.77 -10.37
CA VAL A 174 4.88 22.23 -10.80
C VAL A 174 4.03 21.93 -9.57
N LEU A 175 4.66 21.31 -8.58
CA LEU A 175 4.02 21.02 -7.31
C LEU A 175 3.61 22.33 -6.62
N GLU A 176 4.50 23.32 -6.66
CA GLU A 176 4.21 24.65 -6.12
C GLU A 176 2.96 25.27 -6.71
N ALA A 177 2.87 25.20 -8.03
CA ALA A 177 1.77 25.82 -8.76
C ALA A 177 0.47 25.10 -8.46
N LEU A 178 0.55 23.79 -8.23
CA LEU A 178 -0.64 23.01 -7.95
C LEU A 178 -1.23 23.38 -6.60
N VAL A 179 -0.37 23.48 -5.58
CA VAL A 179 -0.81 23.96 -4.28
C VAL A 179 -1.44 25.32 -4.39
N GLU A 180 -0.76 26.19 -5.11
CA GLU A 180 -1.20 27.56 -5.22
C GLU A 180 -2.53 27.66 -5.95
N SER A 181 -2.80 26.75 -6.88
CA SER A 181 -4.06 26.78 -7.62
CA SER A 181 -4.06 26.78 -7.62
C SER A 181 -5.22 26.46 -6.70
N ALA A 182 -5.03 25.47 -5.84
CA ALA A 182 -6.04 25.08 -4.87
C ALA A 182 -6.15 26.16 -3.78
N VAL A 183 -5.01 26.63 -3.29
CA VAL A 183 -5.01 27.61 -2.21
C VAL A 183 -5.67 28.89 -2.67
N ARG A 184 -5.34 29.36 -3.87
CA ARG A 184 -5.92 30.58 -4.39
C ARG A 184 -7.41 30.53 -4.65
N ALA A 185 -7.86 29.42 -5.20
CA ALA A 185 -9.27 29.20 -5.50
C ALA A 185 -10.05 29.11 -4.20
N TYR A 186 -9.43 28.49 -3.22
CA TYR A 186 -9.97 28.35 -1.88
C TYR A 186 -10.24 29.71 -1.24
N GLU A 187 -9.24 30.58 -1.26
CA GLU A 187 -9.38 31.88 -0.62
C GLU A 187 -10.34 32.76 -1.43
N ALA A 188 -10.37 32.54 -2.74
CA ALA A 188 -11.30 33.24 -3.58
C ALA A 188 -12.75 32.90 -3.27
N ALA A 189 -13.03 31.63 -3.01
CA ALA A 189 -14.38 31.18 -2.72
C ALA A 189 -14.88 31.67 -1.35
N LEU A 190 -13.99 31.67 -0.36
CA LEU A 190 -14.30 32.22 0.96
C LEU A 190 -14.52 33.74 0.89
N GLU A 191 -13.77 34.40 0.03
CA GLU A 191 -13.93 35.84 -0.08
C GLU A 191 -15.26 36.15 -0.72
N MET A 192 -15.76 35.22 -1.53
CA MET A 192 -17.08 35.34 -2.12
C MET A 192 -18.18 35.07 -1.10
N GLY A 193 -17.81 34.56 0.07
CA GLY A 193 -18.77 34.31 1.12
C GLY A 193 -19.23 32.86 1.22
N LEU A 194 -18.59 31.98 0.46
CA LEU A 194 -18.80 30.55 0.61
C LEU A 194 -18.28 30.14 1.97
N GLY A 195 -19.08 29.37 2.70
CA GLY A 195 -18.76 29.06 4.07
C GLY A 195 -17.60 28.12 4.25
N GLU A 196 -16.94 28.26 5.39
CA GLU A 196 -15.89 27.35 5.76
C GLU A 196 -16.45 25.95 5.88
N ASP A 197 -17.75 25.87 6.17
CA ASP A 197 -18.42 24.60 6.31
C ASP A 197 -18.99 24.12 4.98
N LYS A 198 -18.56 24.75 3.88
CA LYS A 198 -19.02 24.40 2.55
C LYS A 198 -17.87 24.24 1.56
N LEU A 199 -16.65 24.09 2.06
CA LEU A 199 -15.48 24.09 1.20
C LEU A 199 -14.50 22.96 1.57
N VAL A 200 -14.29 22.06 0.61
CA VAL A 200 -13.35 20.93 0.76
C VAL A 200 -12.27 21.07 -0.32
N LEU A 201 -11.01 20.73 -0.02
CA LEU A 201 -9.93 20.92 -0.99
C LEU A 201 -9.23 19.61 -1.36
N SER A 202 -8.72 19.56 -2.59
CA SER A 202 -7.79 18.52 -3.02
C SER A 202 -6.77 19.09 -4.03
N ALA A 203 -5.63 18.42 -4.16
CA ALA A 203 -4.66 18.74 -5.18
C ALA A 203 -3.84 17.49 -5.45
N LYS A 204 -4.22 16.75 -6.48
CA LYS A 204 -3.69 15.41 -6.68
C LYS A 204 -2.62 15.29 -7.75
N VAL A 205 -1.70 14.36 -7.49
CA VAL A 205 -0.62 14.03 -8.40
C VAL A 205 -0.60 12.51 -8.41
N SER A 206 0.19 11.92 -9.31
CA SER A 206 0.16 10.48 -9.57
C SER A 206 1.39 9.79 -9.04
N LYS A 207 2.17 10.53 -8.27
CA LYS A 207 3.38 10.00 -7.66
C LYS A 207 3.34 10.23 -6.16
N ALA A 208 3.58 9.17 -5.41
CA ALA A 208 3.43 9.20 -3.96
C ALA A 208 4.25 10.28 -3.25
N ARG A 209 5.55 10.33 -3.54
CA ARG A 209 6.43 11.24 -2.81
C ARG A 209 5.99 12.65 -3.01
N ASP A 210 5.53 12.92 -4.22
CA ASP A 210 5.08 14.25 -4.59
C ASP A 210 3.80 14.60 -3.85
N LEU A 211 2.92 13.62 -3.71
CA LEU A 211 1.62 13.80 -3.09
C LEU A 211 1.80 14.14 -1.61
N VAL A 212 2.83 13.55 -0.99
CA VAL A 212 3.12 13.86 0.40
C VAL A 212 3.57 15.30 0.56
N TRP A 213 4.52 15.74 -0.25
CA TRP A 213 4.93 17.14 -0.22
C TRP A 213 3.72 18.06 -0.37
N VAL A 214 2.90 17.76 -1.37
CA VAL A 214 1.72 18.57 -1.72
C VAL A 214 0.71 18.70 -0.58
N TYR A 215 0.24 17.58 -0.03
CA TYR A 215 -0.79 17.65 1.00
C TYR A 215 -0.24 18.15 2.32
N ARG A 216 1.07 18.05 2.52
CA ARG A 216 1.68 18.67 3.68
C ARG A 216 1.59 20.19 3.54
N GLU A 217 1.77 20.69 2.31
CA GLU A 217 1.68 22.12 2.04
C GLU A 217 0.24 22.63 2.10
N LEU A 218 -0.68 21.89 1.48
CA LEU A 218 -2.10 22.24 1.54
C LEU A 218 -2.56 22.31 2.99
N ALA A 219 -2.25 21.28 3.75
CA ALA A 219 -2.63 21.22 5.15
C ALA A 219 -2.13 22.43 5.93
N ARG A 220 -0.91 22.86 5.63
CA ARG A 220 -0.27 23.99 6.31
C ARG A 220 -0.86 25.34 5.93
N ARG A 221 -1.21 25.50 4.66
CA ARG A 221 -1.58 26.81 4.13
C ARG A 221 -3.08 27.07 4.17
N THR A 222 -3.87 26.06 4.57
CA THR A 222 -5.33 26.15 4.64
C THR A 222 -5.93 25.49 5.89
N GLN A 223 -7.21 25.76 6.13
CA GLN A 223 -7.90 25.16 7.27
C GLN A 223 -8.98 24.16 6.87
N ALA A 224 -9.12 23.92 5.57
CA ALA A 224 -10.25 23.16 5.01
C ALA A 224 -10.09 21.65 5.16
N PRO A 225 -11.23 20.92 5.28
CA PRO A 225 -11.16 19.46 5.20
C PRO A 225 -10.49 19.07 3.90
N LEU A 226 -9.67 18.03 3.88
CA LEU A 226 -8.92 17.67 2.67
C LEU A 226 -9.35 16.33 2.07
N HIS A 227 -9.67 16.33 0.79
CA HIS A 227 -9.91 15.11 0.05
C HIS A 227 -8.56 14.65 -0.46
N LEU A 228 -8.16 13.46 -0.02
CA LEU A 228 -6.84 12.92 -0.26
C LEU A 228 -6.89 11.75 -1.21
N GLY A 229 -6.07 11.78 -2.24
CA GLY A 229 -5.95 10.63 -3.10
C GLY A 229 -4.76 10.70 -4.01
N LEU A 230 -4.30 9.53 -4.44
CA LEU A 230 -3.30 9.44 -5.48
C LEU A 230 -4.03 9.25 -6.80
N THR A 231 -4.00 10.27 -7.65
CA THR A 231 -4.75 10.24 -8.88
C THR A 231 -4.01 9.38 -9.89
N GLU A 232 -4.76 8.80 -10.82
CA GLU A 232 -4.21 7.96 -11.87
C GLU A 232 -3.24 6.93 -11.32
N ALA A 233 -3.73 6.10 -10.40
CA ALA A 233 -2.88 5.15 -9.70
C ALA A 233 -2.48 3.95 -10.58
N GLY A 234 -3.33 3.59 -11.52
CA GLY A 234 -2.98 2.52 -12.42
C GLY A 234 -3.65 1.20 -12.10
N MET A 235 -3.09 0.12 -12.65
CA MET A 235 -3.74 -1.18 -12.60
C MET A 235 -3.13 -2.12 -11.57
N GLY A 236 -3.93 -3.11 -11.17
CA GLY A 236 -3.43 -4.25 -10.41
C GLY A 236 -2.71 -3.92 -9.13
N VAL A 237 -1.73 -4.75 -8.79
CA VAL A 237 -0.92 -4.55 -7.59
C VAL A 237 -0.24 -3.17 -7.55
N LYS A 238 0.24 -2.71 -8.70
CA LYS A 238 0.89 -1.41 -8.78
C LYS A 238 -0.02 -0.30 -8.26
N GLY A 239 -1.24 -0.25 -8.74
CA GLY A 239 -2.18 0.79 -8.37
C GLY A 239 -2.55 0.67 -6.93
N ILE A 240 -2.61 -0.56 -6.43
CA ILE A 240 -2.98 -0.80 -5.04
C ILE A 240 -1.86 -0.33 -4.11
N VAL A 241 -0.65 -0.77 -4.41
CA VAL A 241 0.50 -0.41 -3.61
C VAL A 241 0.77 1.09 -3.62
N ALA A 242 0.75 1.68 -4.81
CA ALA A 242 1.02 3.11 -4.92
C ALA A 242 0.04 3.96 -4.12
N SER A 243 -1.24 3.58 -4.13
CA SER A 243 -2.26 4.32 -3.42
C SER A 243 -2.00 4.24 -1.92
N ALA A 244 -1.65 3.03 -1.49
CA ALA A 244 -1.40 2.76 -0.09
C ALA A 244 -0.18 3.52 0.40
N ALA A 245 0.88 3.48 -0.39
CA ALA A 245 2.13 4.11 0.02
C ALA A 245 2.04 5.64 -0.03
N ALA A 246 1.19 6.15 -0.90
CA ALA A 246 1.04 7.58 -1.03
C ALA A 246 0.25 8.13 0.15
N LEU A 247 -0.83 7.45 0.51
CA LEU A 247 -1.78 7.96 1.50
C LEU A 247 -1.31 7.71 2.94
N ALA A 248 -0.65 6.60 3.18
CA ALA A 248 -0.28 6.22 4.55
C ALA A 248 0.53 7.25 5.31
N PRO A 249 1.60 7.79 4.69
CA PRO A 249 2.44 8.75 5.42
C PRO A 249 1.65 9.97 5.87
N LEU A 250 0.75 10.41 4.99
CA LEU A 250 -0.07 11.56 5.27
C LEU A 250 -1.11 11.27 6.33
N LEU A 251 -1.82 10.15 6.19
CA LEU A 251 -2.85 9.81 7.14
C LEU A 251 -2.27 9.60 8.52
N LEU A 252 -1.06 9.05 8.58
CA LEU A 252 -0.42 8.85 9.87
C LEU A 252 -0.04 10.18 10.52
N GLU A 253 0.18 11.19 9.70
CA GLU A 253 0.48 12.54 10.18
C GLU A 253 -0.78 13.31 10.59
N GLY A 254 -1.94 12.71 10.35
CA GLY A 254 -3.22 13.32 10.68
C GLY A 254 -3.81 14.18 9.58
N ILE A 255 -3.31 14.00 8.35
CA ILE A 255 -3.74 14.76 7.17
C ILE A 255 -4.67 13.93 6.28
N GLY A 256 -5.87 14.44 6.02
CA GLY A 256 -6.81 13.76 5.16
C GLY A 256 -8.15 13.53 5.85
N ASP A 257 -9.24 13.95 5.23
CA ASP A 257 -10.57 13.83 5.85
C ASP A 257 -11.56 12.97 5.06
N THR A 258 -11.25 12.72 3.78
CA THR A 258 -11.96 11.77 2.94
C THR A 258 -10.97 11.28 1.86
N ILE A 259 -11.12 10.03 1.44
CA ILE A 259 -10.21 9.45 0.46
C ILE A 259 -10.93 8.86 -0.71
N ARG A 260 -10.25 8.86 -1.85
CA ARG A 260 -10.71 8.14 -3.00
C ARG A 260 -9.54 7.37 -3.60
N VAL A 261 -9.77 6.11 -3.94
CA VAL A 261 -8.76 5.32 -4.63
C VAL A 261 -9.02 5.24 -6.13
N SER A 262 -8.04 5.73 -6.90
CA SER A 262 -8.15 5.86 -8.34
C SER A 262 -7.55 4.65 -9.07
N LEU A 263 -8.18 3.50 -8.87
CA LEU A 263 -7.79 2.30 -9.55
C LEU A 263 -8.36 2.23 -10.97
N THR A 264 -7.52 1.81 -11.90
CA THR A 264 -7.98 1.44 -13.22
C THR A 264 -8.45 0.01 -13.17
N PRO A 265 -9.76 -0.21 -13.40
CA PRO A 265 -10.18 -1.60 -13.26
C PRO A 265 -9.67 -2.45 -14.39
N SER A 266 -9.42 -3.71 -14.08
CA SER A 266 -9.23 -4.67 -15.13
C SER A 266 -10.62 -4.98 -15.67
N PRO A 267 -10.72 -5.38 -16.94
CA PRO A 267 -12.02 -5.73 -17.54
C PRO A 267 -12.78 -6.79 -16.78
N LYS A 268 -12.06 -7.67 -16.11
CA LYS A 268 -12.67 -8.75 -15.35
C LYS A 268 -12.83 -8.41 -13.87
N GLU A 269 -12.54 -7.17 -13.50
CA GLU A 269 -12.75 -6.75 -12.12
C GLU A 269 -13.83 -5.66 -12.03
N PRO A 270 -14.60 -5.63 -10.94
CA PRO A 270 -15.70 -4.68 -10.76
C PRO A 270 -15.22 -3.35 -10.21
N ARG A 271 -15.97 -2.30 -10.50
CA ARG A 271 -15.64 -0.95 -10.05
C ARG A 271 -15.56 -0.83 -8.52
N THR A 272 -16.08 -1.82 -7.80
CA THR A 272 -16.04 -1.81 -6.33
C THR A 272 -14.69 -2.11 -5.67
N LYS A 273 -13.72 -2.57 -6.46
CA LYS A 273 -12.40 -2.88 -5.93
C LYS A 273 -11.73 -1.67 -5.31
N GLU A 274 -11.93 -0.50 -5.91
CA GLU A 274 -11.31 0.71 -5.37
C GLU A 274 -11.87 1.05 -4.00
N VAL A 275 -13.14 0.72 -3.76
CA VAL A 275 -13.71 0.92 -2.44
C VAL A 275 -13.07 -0.03 -1.43
N GLU A 276 -12.89 -1.27 -1.86
CA GLU A 276 -12.25 -2.30 -1.06
C GLU A 276 -10.87 -1.81 -0.59
N VAL A 277 -10.11 -1.27 -1.53
CA VAL A 277 -8.77 -0.78 -1.25
C VAL A 277 -8.80 0.43 -0.32
N ALA A 278 -9.74 1.34 -0.54
CA ALA A 278 -9.88 2.48 0.35
C ALA A 278 -10.20 2.00 1.73
N GLN A 279 -11.05 0.98 1.84
CA GLN A 279 -11.35 0.44 3.15
C GLN A 279 -10.11 -0.12 3.84
N GLU A 280 -9.33 -0.92 3.10
CA GLU A 280 -8.18 -1.58 3.71
C GLU A 280 -7.11 -0.57 4.15
N ILE A 281 -7.03 0.56 3.46
CA ILE A 281 -6.03 1.56 3.82
C ILE A 281 -6.33 2.15 5.17
N LEU A 282 -7.56 2.56 5.38
CA LEU A 282 -7.90 3.18 6.65
C LEU A 282 -7.86 2.15 7.80
N GLN A 283 -8.36 0.95 7.58
CA GLN A 283 -8.39 -0.04 8.66
C GLN A 283 -6.98 -0.51 9.06
N ALA A 284 -6.08 -0.57 8.08
CA ALA A 284 -4.68 -0.94 8.35
C ALA A 284 -3.98 0.08 9.23
N LEU A 285 -4.43 1.32 9.19
CA LEU A 285 -3.82 2.39 9.96
C LEU A 285 -4.63 2.70 11.22
N GLY A 286 -5.62 1.85 11.48
CA GLY A 286 -6.42 1.97 12.69
C GLY A 286 -7.35 3.16 12.67
N LEU A 287 -7.64 3.70 11.50
CA LEU A 287 -8.41 4.92 11.40
C LEU A 287 -9.90 4.66 11.31
N ARG A 288 -10.24 3.50 10.75
CA ARG A 288 -11.62 3.02 10.69
C ARG A 288 -11.65 1.52 10.97
N ALA A 289 -12.83 1.00 11.25
CA ALA A 289 -13.03 -0.44 11.34
C ALA A 289 -14.29 -0.76 10.56
N PHE A 290 -14.12 -1.47 9.46
CA PHE A 290 -15.23 -1.81 8.57
C PHE A 290 -15.71 -3.25 8.70
N ALA A 291 -14.77 -4.17 8.91
CA ALA A 291 -15.04 -5.60 8.90
C ALA A 291 -13.94 -6.36 9.63
N PRO A 292 -14.27 -7.54 10.18
CA PRO A 292 -13.25 -8.41 10.77
C PRO A 292 -12.10 -8.64 9.82
N GLU A 293 -10.90 -8.82 10.36
CA GLU A 293 -9.73 -9.06 9.55
C GLU A 293 -8.94 -10.26 10.04
N VAL A 294 -8.13 -10.82 9.17
CA VAL A 294 -7.25 -11.92 9.53
C VAL A 294 -5.79 -11.50 9.50
N THR A 295 -5.12 -11.75 10.61
CA THR A 295 -3.66 -11.67 10.72
C THR A 295 -3.09 -13.05 10.46
N SER A 296 -2.33 -13.22 9.38
CA SER A 296 -1.80 -14.55 9.11
C SER A 296 -0.36 -14.46 8.62
N CYS A 297 0.41 -15.49 8.95
CA CYS A 297 1.83 -15.54 8.58
C CYS A 297 1.97 -15.85 7.09
N PRO A 298 3.18 -15.65 6.54
CA PRO A 298 3.32 -16.02 5.14
C PRO A 298 3.29 -17.52 4.96
N GLY A 299 3.56 -18.24 6.05
CA GLY A 299 3.89 -19.64 5.97
C GLY A 299 5.34 -19.83 5.50
N CYS A 300 6.02 -20.84 6.02
CA CYS A 300 7.35 -21.14 5.53
C CYS A 300 7.55 -22.65 5.55
N GLY A 301 8.81 -23.08 5.48
CA GLY A 301 9.13 -24.50 5.42
C GLY A 301 8.76 -25.25 6.68
N ARG A 302 8.38 -24.51 7.72
CA ARG A 302 8.07 -25.13 9.01
C ARG A 302 6.65 -25.66 9.10
N THR A 303 5.84 -25.37 8.10
CA THR A 303 4.45 -25.82 8.11
C THR A 303 4.09 -26.33 6.72
N THR A 304 3.01 -27.10 6.62
CA THR A 304 2.54 -27.61 5.32
C THR A 304 1.72 -26.55 4.59
N SER A 305 2.20 -26.18 3.39
CA SER A 305 1.69 -25.04 2.65
C SER A 305 0.23 -25.11 2.27
N THR A 306 -0.17 -26.19 1.61
CA THR A 306 -1.53 -26.30 1.13
C THR A 306 -2.54 -26.19 2.28
N PHE A 307 -2.32 -26.92 3.36
CA PHE A 307 -3.22 -26.84 4.52
C PHE A 307 -3.30 -25.42 5.08
N PHE A 308 -2.14 -24.84 5.33
CA PHE A 308 -2.08 -23.55 5.99
C PHE A 308 -2.77 -22.48 5.17
N GLN A 309 -2.38 -22.39 3.91
CA GLN A 309 -2.97 -21.42 2.99
C GLN A 309 -4.47 -21.65 2.76
N GLU A 310 -4.89 -22.90 2.75
CA GLU A 310 -6.30 -23.19 2.58
C GLU A 310 -7.07 -22.78 3.83
N LEU A 311 -6.55 -23.17 4.99
CA LEU A 311 -7.23 -22.84 6.23
C LEU A 311 -7.34 -21.32 6.38
N ALA A 312 -6.25 -20.61 6.11
CA ALA A 312 -6.27 -19.15 6.26
C ALA A 312 -7.34 -18.59 5.34
N GLU A 313 -7.39 -19.08 4.11
CA GLU A 313 -8.37 -18.63 3.12
C GLU A 313 -9.80 -18.87 3.60
N GLU A 314 -10.04 -20.06 4.13
CA GLU A 314 -11.36 -20.46 4.61
C GLU A 314 -11.83 -19.55 5.76
N VAL A 315 -10.88 -19.13 6.60
CA VAL A 315 -11.21 -18.29 7.73
C VAL A 315 -11.64 -16.93 7.25
N SER A 316 -10.88 -16.40 6.30
CA SER A 316 -11.15 -15.10 5.73
C SER A 316 -12.47 -15.08 4.95
N ARG A 317 -12.82 -16.20 4.32
CA ARG A 317 -14.03 -16.30 3.53
C ARG A 317 -15.25 -16.38 4.45
N ARG A 318 -15.10 -17.15 5.51
CA ARG A 318 -16.16 -17.30 6.50
C ARG A 318 -16.43 -15.98 7.21
N LEU A 319 -15.39 -15.24 7.55
CA LEU A 319 -15.61 -13.92 8.16
C LEU A 319 -16.46 -13.06 7.28
N LYS A 320 -16.09 -13.01 6.00
CA LYS A 320 -16.80 -12.25 4.98
C LYS A 320 -18.22 -12.72 4.79
N GLU A 321 -18.40 -14.04 4.87
CA GLU A 321 -19.73 -14.61 4.68
C GLU A 321 -20.66 -14.28 5.83
N ARG A 322 -20.15 -14.35 7.05
CA ARG A 322 -20.96 -14.16 8.25
C ARG A 322 -21.18 -12.69 8.63
N LEU A 323 -20.39 -11.77 8.08
CA LEU A 323 -20.45 -10.38 8.54
C LEU A 323 -21.85 -9.74 8.44
N PRO A 324 -22.59 -9.96 7.34
CA PRO A 324 -23.91 -9.34 7.27
C PRO A 324 -24.82 -9.69 8.45
N GLU A 325 -24.75 -10.94 8.90
CA GLU A 325 -25.47 -11.42 10.07
C GLU A 325 -24.90 -10.85 11.36
N TRP A 326 -23.57 -10.86 11.48
CA TRP A 326 -22.92 -10.38 12.69
C TRP A 326 -23.11 -8.88 12.87
N ARG A 327 -23.21 -8.18 11.75
CA ARG A 327 -23.40 -6.73 11.75
C ARG A 327 -24.66 -6.34 12.52
N ALA A 328 -25.74 -7.07 12.27
CA ALA A 328 -27.02 -6.83 12.95
C ALA A 328 -27.02 -7.33 14.39
N ARG A 329 -26.50 -8.54 14.59
CA ARG A 329 -26.50 -9.19 15.90
C ARG A 329 -25.50 -8.59 16.88
N TYR A 330 -24.29 -8.32 16.39
CA TYR A 330 -23.18 -7.95 17.27
C TYR A 330 -22.53 -6.61 16.94
N PRO A 331 -22.87 -5.57 17.72
CA PRO A 331 -22.31 -4.23 17.53
C PRO A 331 -20.84 -4.14 17.91
N GLY A 332 -19.99 -3.75 16.96
CA GLY A 332 -18.59 -3.59 17.26
C GLY A 332 -17.74 -4.68 16.65
N VAL A 333 -18.41 -5.69 16.06
CA VAL A 333 -17.72 -6.86 15.56
C VAL A 333 -16.75 -6.49 14.44
N GLU A 334 -16.94 -5.31 13.88
CA GLU A 334 -16.05 -4.79 12.84
C GLU A 334 -14.60 -4.72 13.33
N GLU A 335 -14.41 -4.65 14.64
CA GLU A 335 -13.08 -4.59 15.22
C GLU A 335 -12.46 -5.99 15.37
N LEU A 336 -13.16 -7.03 15.00
CA LEU A 336 -12.64 -8.38 15.22
C LEU A 336 -11.32 -8.67 14.50
N LYS A 337 -10.36 -9.23 15.25
CA LYS A 337 -9.07 -9.64 14.72
C LYS A 337 -8.86 -11.15 14.93
N VAL A 338 -8.70 -11.89 13.84
CA VAL A 338 -8.47 -13.32 13.91
C VAL A 338 -7.07 -13.64 13.40
N ALA A 339 -6.36 -14.48 14.13
CA ALA A 339 -5.02 -14.89 13.72
C ALA A 339 -5.03 -16.35 13.25
N VAL A 340 -4.30 -16.63 12.19
CA VAL A 340 -4.14 -17.99 11.71
C VAL A 340 -2.66 -18.20 11.46
N MET A 341 -2.00 -19.02 12.28
CA MET A 341 -0.54 -19.08 12.20
C MET A 341 -0.02 -20.48 11.91
N GLY A 342 1.11 -20.54 11.22
CA GLY A 342 1.57 -21.79 10.66
C GLY A 342 2.34 -22.67 11.63
N CYS A 343 2.92 -22.10 12.66
CA CYS A 343 3.68 -22.92 13.58
C CYS A 343 3.94 -22.24 14.91
N VAL A 344 4.66 -22.92 15.78
CA VAL A 344 4.80 -22.52 17.17
C VAL A 344 5.80 -21.36 17.39
N VAL A 345 6.56 -21.01 16.36
CA VAL A 345 7.56 -19.95 16.52
C VAL A 345 6.91 -18.61 16.86
N ASN A 346 5.96 -18.16 16.04
CA ASN A 346 5.23 -16.92 16.31
C ASN A 346 3.73 -17.10 16.47
N GLY A 347 3.27 -18.34 16.34
CA GLY A 347 1.85 -18.65 16.42
C GLY A 347 1.17 -18.18 17.70
N PRO A 348 1.64 -18.71 18.85
CA PRO A 348 1.03 -18.33 20.12
C PRO A 348 1.14 -16.83 20.41
N GLY A 349 2.31 -16.24 20.17
CA GLY A 349 2.53 -14.83 20.46
C GLY A 349 1.63 -13.89 19.69
N GLU A 350 1.56 -14.09 18.38
CA GLU A 350 0.75 -13.28 17.51
C GLU A 350 -0.73 -13.49 17.75
N SER A 351 -1.10 -14.74 18.03
CA SER A 351 -2.47 -15.10 18.37
C SER A 351 -2.94 -14.43 19.65
N LYS A 352 -2.03 -14.31 20.62
CA LYS A 352 -2.39 -13.66 21.87
C LYS A 352 -2.54 -12.16 21.69
N HIS A 353 -2.15 -11.65 20.51
CA HIS A 353 -2.36 -10.26 20.18
C HIS A 353 -3.63 -10.04 19.38
N ALA A 354 -4.31 -11.12 19.02
CA ALA A 354 -5.58 -11.01 18.33
C ALA A 354 -6.73 -11.22 19.29
N HIS A 355 -7.95 -11.08 18.80
CA HIS A 355 -9.13 -11.46 19.57
C HIS A 355 -9.17 -12.96 19.77
N ILE A 356 -8.96 -13.68 18.67
CA ILE A 356 -8.86 -15.15 18.75
C ILE A 356 -7.91 -15.64 17.66
N GLY A 357 -7.13 -16.67 17.95
CA GLY A 357 -6.17 -17.12 16.95
C GLY A 357 -5.78 -18.55 17.12
N ILE A 358 -5.25 -19.14 16.06
CA ILE A 358 -4.84 -20.54 16.12
C ILE A 358 -3.39 -20.73 15.67
N SER A 359 -2.69 -21.53 16.46
CA SER A 359 -1.33 -21.94 16.20
C SER A 359 -1.36 -23.36 15.66
N LEU A 360 -0.93 -23.54 14.42
CA LEU A 360 -0.96 -24.86 13.80
C LEU A 360 0.25 -25.72 14.18
N PRO A 361 0.09 -27.04 14.10
CA PRO A 361 1.19 -28.00 14.22
C PRO A 361 2.17 -27.92 13.05
N GLY A 362 3.45 -27.79 13.35
CA GLY A 362 4.45 -27.63 12.31
C GLY A 362 4.95 -28.90 11.67
N ALA A 363 6.02 -28.78 10.90
CA ALA A 363 6.67 -29.94 10.29
C ALA A 363 7.25 -30.83 11.39
N GLY A 364 7.41 -30.26 12.58
CA GLY A 364 7.63 -31.01 13.80
C GLY A 364 6.20 -31.17 14.25
N GLU A 365 5.71 -32.39 14.22
CA GLU A 365 4.27 -32.63 14.15
C GLU A 365 3.48 -33.20 15.34
N GLU A 366 2.23 -32.78 15.35
CA GLU A 366 1.09 -33.44 16.00
C GLU A 366 -0.11 -32.89 15.33
N PRO A 367 -1.00 -33.72 14.77
CA PRO A 367 -2.14 -32.96 14.26
C PRO A 367 -3.01 -32.37 15.39
N LYS A 368 -2.48 -31.38 16.12
CA LYS A 368 -3.29 -30.60 17.05
C LYS A 368 -2.86 -29.14 17.06
N ALA A 369 -3.81 -28.26 17.35
CA ALA A 369 -3.58 -26.83 17.24
C ALA A 369 -4.12 -26.01 18.41
N PRO A 370 -3.22 -25.49 19.26
CA PRO A 370 -3.64 -24.60 20.35
C PRO A 370 -4.38 -23.36 19.84
N VAL A 371 -5.49 -23.02 20.48
CA VAL A 371 -6.28 -21.83 20.13
C VAL A 371 -6.22 -20.79 21.27
N TYR A 372 -5.96 -19.53 20.91
CA TYR A 372 -5.89 -18.49 21.93
C TYR A 372 -7.04 -17.54 21.77
N ALA A 373 -7.55 -17.04 22.89
CA ALA A 373 -8.60 -16.04 22.89
C ALA A 373 -8.41 -15.03 24.02
N ASP A 374 -8.58 -13.76 23.70
CA ASP A 374 -8.44 -12.70 24.69
C ASP A 374 -7.11 -12.75 25.42
N GLY A 375 -6.06 -13.07 24.68
CA GLY A 375 -4.70 -12.98 25.19
C GLY A 375 -4.18 -14.21 25.89
N LYS A 376 -5.03 -15.21 26.09
CA LYS A 376 -4.63 -16.43 26.79
C LYS A 376 -5.07 -17.72 26.10
N LEU A 377 -4.50 -18.85 26.53
CA LEU A 377 -4.84 -20.14 25.94
C LEU A 377 -6.29 -20.50 26.21
N LEU A 378 -7.02 -20.86 25.17
CA LEU A 378 -8.45 -21.17 25.28
C LEU A 378 -8.72 -22.67 25.25
N THR A 379 -8.11 -23.36 24.29
CA THR A 379 -8.26 -24.81 24.18
C THR A 379 -7.26 -25.37 23.19
N ILE A 380 -7.32 -26.68 22.97
CA ILE A 380 -6.44 -27.31 22.02
C ILE A 380 -7.22 -28.28 21.14
N LEU A 381 -7.23 -27.98 19.84
CA LEU A 381 -7.96 -28.79 18.88
C LEU A 381 -7.07 -29.90 18.38
N LYS A 382 -7.56 -31.12 18.29
CA LYS A 382 -6.72 -32.19 17.79
C LYS A 382 -7.46 -33.04 16.79
N GLY A 383 -6.70 -33.69 15.91
CA GLY A 383 -7.27 -34.63 14.97
C GLY A 383 -7.69 -33.99 13.67
N GLU A 384 -8.71 -34.55 13.05
CA GLU A 384 -9.20 -34.04 11.79
C GLU A 384 -10.24 -32.96 12.07
N GLY A 385 -10.57 -32.16 11.06
CA GLY A 385 -11.57 -31.13 11.22
C GLY A 385 -11.18 -30.07 12.23
N ILE A 386 -9.88 -29.77 12.30
CA ILE A 386 -9.40 -28.71 13.16
C ILE A 386 -9.91 -27.42 12.57
N ALA A 387 -9.93 -27.38 11.25
CA ALA A 387 -10.40 -26.23 10.50
C ALA A 387 -11.83 -25.90 10.88
N GLU A 388 -12.73 -26.89 10.84
CA GLU A 388 -14.12 -26.59 11.10
C GLU A 388 -14.35 -26.26 12.55
N GLU A 389 -13.62 -26.96 13.44
CA GLU A 389 -13.68 -26.73 14.88
C GLU A 389 -13.23 -25.32 15.27
N PHE A 390 -12.17 -24.85 14.67
CA PHE A 390 -11.71 -23.48 14.90
C PHE A 390 -12.77 -22.46 14.53
N LEU A 391 -13.39 -22.64 13.37
CA LEU A 391 -14.38 -21.70 12.91
C LEU A 391 -15.62 -21.69 13.79
N ARG A 392 -15.93 -22.83 14.41
CA ARG A 392 -17.04 -22.86 15.36
C ARG A 392 -16.62 -22.08 16.60
N LEU A 393 -15.34 -22.19 16.96
CA LEU A 393 -14.80 -21.42 18.06
C LEU A 393 -14.85 -19.93 17.75
N VAL A 394 -14.59 -19.59 16.50
CA VAL A 394 -14.61 -18.18 16.08
C VAL A 394 -16.03 -17.64 16.16
N GLU A 395 -17.01 -18.38 15.66
CA GLU A 395 -18.40 -17.96 15.76
C GLU A 395 -18.84 -17.82 17.21
N ASP A 396 -18.47 -18.79 18.04
CA ASP A 396 -18.85 -18.73 19.44
C ASP A 396 -18.19 -17.53 20.11
N TYR A 397 -16.95 -17.24 19.74
CA TYR A 397 -16.24 -16.12 20.35
C TYR A 397 -16.99 -14.84 20.13
N VAL A 398 -17.38 -14.63 18.89
CA VAL A 398 -18.10 -13.44 18.47
C VAL A 398 -19.43 -13.33 19.21
N LYS A 399 -20.10 -14.46 19.40
CA LYS A 399 -21.41 -14.50 20.05
C LYS A 399 -21.32 -14.04 21.51
N THR A 400 -20.19 -14.35 22.15
CA THR A 400 -19.96 -13.97 23.53
C THR A 400 -19.32 -12.58 23.64
N ARG A 401 -18.23 -12.37 22.90
CA ARG A 401 -17.46 -11.14 23.03
C ARG A 401 -18.24 -9.92 22.57
N PHE A 402 -18.97 -10.06 21.47
CA PHE A 402 -19.67 -8.92 20.89
C PHE A 402 -21.18 -8.97 21.12
N ALA A 403 -21.58 -9.77 22.10
CA ALA A 403 -22.97 -9.90 22.52
C ALA A 403 -23.59 -8.53 22.82
N PRO A 404 -24.93 -8.43 22.71
CA PRO A 404 -25.69 -7.20 22.98
C PRO A 404 -25.54 -6.74 24.43
N LYS A 405 -25.61 -5.42 24.63
CA LYS A 405 -25.31 -4.84 25.92
C LYS A 405 -26.30 -3.72 26.26
N ALA A 406 -26.23 -3.24 27.50
CA ALA A 406 -27.08 -2.17 28.01
C ALA A 406 -28.57 -2.51 27.87
N GLU B 2 17.34 9.67 -2.40
CA GLU B 2 16.21 10.15 -3.21
C GLU B 2 15.39 11.33 -2.64
N GLY B 3 15.19 11.47 -1.31
CA GLY B 3 15.66 10.58 -0.25
C GLY B 3 15.17 11.07 1.09
N MET B 4 16.07 11.30 2.05
CA MET B 4 17.48 10.95 1.93
C MET B 4 17.74 9.74 2.82
N ARG B 5 18.79 8.99 2.54
CA ARG B 5 19.04 7.76 3.28
C ARG B 5 19.69 7.97 4.65
N ARG B 6 19.17 7.25 5.64
CA ARG B 6 19.81 7.12 6.94
C ARG B 6 21.20 6.49 6.84
N PRO B 7 22.22 7.12 7.44
CA PRO B 7 23.58 6.58 7.33
C PRO B 7 23.76 5.25 8.05
N THR B 8 24.35 4.26 7.37
CA THR B 8 24.66 2.95 7.95
C THR B 8 25.92 2.38 7.33
N PRO B 9 26.67 1.58 8.08
CA PRO B 9 27.72 0.77 7.47
C PRO B 9 27.20 -0.20 6.39
N THR B 10 28.08 -0.72 5.54
CA THR B 10 27.68 -1.66 4.48
C THR B 10 27.81 -3.09 4.95
N VAL B 11 26.73 -3.84 4.80
CA VAL B 11 26.75 -5.28 5.07
C VAL B 11 26.57 -6.04 3.75
N TYR B 12 27.55 -6.86 3.41
CA TYR B 12 27.47 -7.65 2.20
C TYR B 12 26.83 -8.98 2.50
N VAL B 13 25.65 -9.21 1.93
CA VAL B 13 25.00 -10.51 2.04
C VAL B 13 25.33 -11.23 0.73
N GLY B 14 26.28 -12.14 0.77
CA GLY B 14 26.87 -12.62 -0.48
C GLY B 14 27.48 -11.43 -1.23
N ARG B 15 27.20 -11.33 -2.53
CA ARG B 15 27.68 -10.18 -3.33
C ARG B 15 26.78 -8.95 -3.23
N VAL B 16 25.67 -9.06 -2.52
CA VAL B 16 24.73 -7.96 -2.39
C VAL B 16 25.01 -7.08 -1.18
N PRO B 17 25.39 -5.81 -1.42
CA PRO B 17 25.62 -4.86 -0.33
C PRO B 17 24.32 -4.31 0.23
N ILE B 18 24.20 -4.35 1.55
CA ILE B 18 23.04 -3.79 2.22
C ILE B 18 23.51 -2.59 2.99
N GLY B 19 22.84 -1.46 2.80
CA GLY B 19 23.21 -0.25 3.49
C GLY B 19 22.79 1.06 2.87
N GLY B 20 23.04 2.14 3.61
CA GLY B 20 22.63 3.48 3.22
C GLY B 20 23.24 3.99 1.93
N ALA B 21 24.37 3.42 1.53
CA ALA B 21 25.03 3.87 0.30
C ALA B 21 24.65 2.95 -0.86
N HIS B 22 23.70 2.06 -0.61
CA HIS B 22 23.34 1.04 -1.59
C HIS B 22 21.83 0.97 -1.77
N PRO B 23 21.39 0.55 -2.97
CA PRO B 23 19.96 0.37 -3.23
C PRO B 23 19.28 -0.49 -2.20
N ILE B 24 18.04 -0.17 -1.86
CA ILE B 24 17.28 -0.96 -0.91
C ILE B 24 17.02 -2.31 -1.57
N ALA B 25 17.42 -3.38 -0.90
CA ALA B 25 17.40 -4.70 -1.52
C ALA B 25 16.11 -5.43 -1.26
N VAL B 26 15.55 -5.99 -2.32
CA VAL B 26 14.36 -6.84 -2.19
C VAL B 26 14.78 -8.27 -1.79
N GLN B 27 14.08 -8.83 -0.81
CA GLN B 27 14.25 -10.23 -0.48
C GLN B 27 12.93 -10.89 -0.16
N SER B 28 12.96 -12.20 -0.02
CA SER B 28 11.75 -12.95 0.24
C SER B 28 12.16 -14.21 0.95
N MET B 29 11.19 -15.08 1.20
CA MET B 29 11.43 -16.35 1.88
C MET B 29 10.65 -17.51 1.29
N THR B 30 11.33 -18.65 1.10
CA THR B 30 10.70 -19.88 0.61
C THR B 30 9.66 -20.46 1.55
N ASN B 31 8.78 -21.29 1.01
CA ASN B 31 7.77 -21.95 1.83
C ASN B 31 7.69 -23.43 1.52
N THR B 32 8.69 -23.93 0.79
CA THR B 32 8.85 -25.34 0.49
C THR B 32 9.50 -26.01 1.70
N PRO B 33 9.25 -27.32 1.91
CA PRO B 33 10.05 -27.99 2.94
C PRO B 33 11.52 -27.93 2.56
N THR B 34 12.39 -27.41 3.42
CA THR B 34 13.80 -27.25 3.02
C THR B 34 14.46 -28.62 2.79
N ARG B 35 14.00 -29.66 3.48
CA ARG B 35 14.58 -30.99 3.23
C ARG B 35 14.38 -31.44 1.79
N ASP B 36 13.39 -30.87 1.11
CA ASP B 36 13.11 -31.17 -0.29
C ASP B 36 13.98 -30.29 -1.19
N VAL B 37 15.13 -30.83 -1.59
CA VAL B 37 16.13 -30.10 -2.37
C VAL B 37 15.59 -29.61 -3.73
N GLU B 38 14.85 -30.48 -4.42
CA GLU B 38 14.30 -30.14 -5.72
CA GLU B 38 14.26 -30.16 -5.71
C GLU B 38 13.27 -29.02 -5.62
N ALA B 39 12.33 -29.16 -4.70
CA ALA B 39 11.29 -28.16 -4.56
C ALA B 39 11.89 -26.83 -4.11
N THR B 40 12.87 -26.90 -3.22
CA THR B 40 13.42 -25.70 -2.63
C THR B 40 14.37 -25.02 -3.60
N THR B 41 15.15 -25.78 -4.34
CA THR B 41 16.01 -25.20 -5.37
C THR B 41 15.17 -24.49 -6.43
N ALA B 42 14.10 -25.14 -6.87
CA ALA B 42 13.22 -24.60 -7.88
C ALA B 42 12.61 -23.28 -7.42
N GLN B 43 12.21 -23.19 -6.16
CA GLN B 43 11.53 -21.98 -5.73
C GLN B 43 12.53 -20.84 -5.53
N VAL B 44 13.72 -21.17 -5.05
CA VAL B 44 14.77 -20.17 -4.93
C VAL B 44 15.02 -19.54 -6.30
N LEU B 45 15.16 -20.39 -7.30
CA LEU B 45 15.31 -19.95 -8.68
C LEU B 45 14.16 -19.06 -9.12
N GLU B 46 12.95 -19.50 -8.79
CA GLU B 46 11.74 -18.78 -9.12
C GLU B 46 11.70 -17.41 -8.45
N LEU B 47 12.03 -17.38 -7.16
CA LEU B 47 12.04 -16.12 -6.42
C LEU B 47 13.12 -15.21 -6.93
N HIS B 48 14.30 -15.78 -7.18
CA HIS B 48 15.40 -15.00 -7.75
C HIS B 48 14.99 -14.46 -9.12
N ARG B 49 14.32 -15.30 -9.90
CA ARG B 49 13.88 -14.91 -11.23
C ARG B 49 12.95 -13.72 -11.22
N ALA B 50 12.04 -13.69 -10.25
CA ALA B 50 11.00 -12.67 -10.16
C ALA B 50 11.55 -11.35 -9.62
N GLY B 51 12.77 -11.37 -9.12
CA GLY B 51 13.43 -10.18 -8.62
C GLY B 51 13.86 -10.21 -7.17
N SER B 52 13.88 -11.37 -6.56
CA SER B 52 14.37 -11.49 -5.19
C SER B 52 15.88 -11.45 -5.24
N GLU B 53 16.44 -10.42 -4.65
CA GLU B 53 17.88 -10.20 -4.69
C GLU B 53 18.58 -11.00 -3.60
N ILE B 54 17.82 -11.30 -2.54
CA ILE B 54 18.26 -12.16 -1.44
C ILE B 54 17.13 -13.14 -1.18
N VAL B 55 17.44 -14.39 -0.85
CA VAL B 55 16.40 -15.37 -0.57
C VAL B 55 16.62 -16.11 0.75
N ARG B 56 15.63 -16.05 1.62
CA ARG B 56 15.71 -16.73 2.90
C ARG B 56 15.02 -18.10 2.89
N LEU B 57 15.57 -19.07 3.62
CA LEU B 57 14.88 -20.35 3.80
C LEU B 57 14.97 -20.82 5.25
N THR B 58 13.97 -21.55 5.74
CA THR B 58 14.05 -22.02 7.12
C THR B 58 15.06 -23.16 7.22
N VAL B 59 15.82 -23.16 8.30
CA VAL B 59 16.73 -24.28 8.60
C VAL B 59 16.32 -24.78 9.98
N ASN B 60 15.23 -25.55 9.98
CA ASN B 60 14.48 -25.80 11.19
C ASN B 60 14.75 -27.12 11.92
N ASP B 61 15.44 -28.02 11.25
CA ASP B 61 15.75 -29.30 11.86
C ASP B 61 16.93 -29.90 11.14
N GLU B 62 17.28 -31.13 11.51
CA GLU B 62 18.46 -31.80 10.97
C GLU B 62 18.37 -32.05 9.47
N GLU B 63 17.23 -32.51 9.00
CA GLU B 63 17.04 -32.76 7.57
CA GLU B 63 17.03 -32.77 7.58
C GLU B 63 17.20 -31.49 6.74
N ALA B 64 16.65 -30.39 7.23
CA ALA B 64 16.77 -29.13 6.52
C ALA B 64 18.21 -28.69 6.40
N ALA B 65 18.98 -28.86 7.47
CA ALA B 65 20.37 -28.43 7.48
C ALA B 65 21.20 -29.22 6.47
N LYS B 66 20.93 -30.52 6.37
CA LYS B 66 21.68 -31.40 5.49
C LYS B 66 21.41 -31.10 4.00
N ALA B 67 20.28 -30.47 3.72
CA ALA B 67 19.91 -30.18 2.34
C ALA B 67 20.54 -28.88 1.84
N VAL B 68 20.81 -27.98 2.77
CA VAL B 68 21.26 -26.64 2.42
C VAL B 68 22.54 -26.62 1.54
N PRO B 69 23.55 -27.47 1.86
CA PRO B 69 24.71 -27.47 0.96
C PRO B 69 24.37 -27.93 -0.46
N GLU B 70 23.46 -28.89 -0.58
CA GLU B 70 23.12 -29.41 -1.90
C GLU B 70 22.28 -28.38 -2.66
N ILE B 71 21.38 -27.69 -1.96
CA ILE B 71 20.59 -26.64 -2.58
C ILE B 71 21.56 -25.59 -3.07
N LYS B 72 22.48 -25.20 -2.20
CA LYS B 72 23.47 -24.19 -2.55
C LYS B 72 24.31 -24.68 -3.71
N ARG B 73 24.61 -25.98 -3.73
CA ARG B 73 25.35 -26.58 -4.85
C ARG B 73 24.59 -26.43 -6.17
N ARG B 74 23.31 -26.76 -6.16
CA ARG B 74 22.49 -26.74 -7.36
C ARG B 74 22.31 -25.34 -7.90
N LEU B 75 22.20 -24.37 -7.01
CA LEU B 75 22.09 -22.97 -7.45
C LEU B 75 23.37 -22.57 -8.13
N LEU B 76 24.51 -22.90 -7.53
CA LEU B 76 25.80 -22.52 -8.09
C LEU B 76 26.09 -23.16 -9.45
N ALA B 77 25.56 -24.37 -9.64
CA ALA B 77 25.77 -25.12 -10.87
C ALA B 77 24.99 -24.50 -12.02
N GLU B 78 24.10 -23.57 -11.67
CA GLU B 78 23.31 -22.88 -12.67
C GLU B 78 23.83 -21.45 -12.81
N GLY B 79 24.90 -21.16 -12.09
CA GLY B 79 25.48 -19.83 -12.11
C GLY B 79 24.63 -18.84 -11.34
N VAL B 80 23.77 -19.36 -10.47
CA VAL B 80 22.88 -18.51 -9.71
C VAL B 80 23.49 -18.15 -8.37
N GLU B 81 23.94 -16.90 -8.29
CA GLU B 81 24.71 -16.47 -7.14
C GLU B 81 23.85 -15.72 -6.13
N VAL B 82 22.56 -16.04 -6.09
CA VAL B 82 21.67 -15.40 -5.14
C VAL B 82 22.05 -15.84 -3.72
N PRO B 83 22.12 -14.88 -2.80
CA PRO B 83 22.48 -15.16 -1.40
C PRO B 83 21.36 -15.87 -0.65
N LEU B 84 21.72 -16.90 0.11
CA LEU B 84 20.77 -17.58 0.97
C LEU B 84 20.95 -17.15 2.42
N VAL B 85 19.85 -16.84 3.09
CA VAL B 85 19.83 -16.56 4.51
C VAL B 85 19.19 -17.74 5.24
N GLY B 86 19.82 -18.24 6.29
CA GLY B 86 19.26 -19.34 7.04
C GLY B 86 18.45 -18.85 8.23
N ASP B 87 17.20 -19.27 8.31
CA ASP B 87 16.30 -18.86 9.39
C ASP B 87 16.37 -19.90 10.50
N PHE B 88 16.81 -19.46 11.67
CA PHE B 88 17.04 -20.32 12.84
C PHE B 88 16.19 -19.93 14.04
N HIS B 89 15.54 -20.91 14.66
CA HIS B 89 14.81 -20.70 15.92
C HIS B 89 14.98 -21.90 16.82
N PHE B 90 15.23 -21.63 18.10
CA PHE B 90 15.30 -22.66 19.14
C PHE B 90 16.56 -23.51 19.09
N ASN B 91 17.02 -23.85 17.89
CA ASN B 91 18.09 -24.82 17.78
C ASN B 91 19.22 -24.38 16.86
N GLY B 92 19.28 -23.08 16.60
CA GLY B 92 20.25 -22.55 15.66
C GLY B 92 21.68 -22.87 16.03
N HIS B 93 21.96 -22.92 17.33
CA HIS B 93 23.31 -23.21 17.80
C HIS B 93 23.66 -24.67 17.58
N LEU B 94 22.65 -25.54 17.71
CA LEU B 94 22.81 -26.98 17.53
C LEU B 94 23.09 -27.34 16.07
N LEU B 95 22.28 -26.83 15.17
CA LEU B 95 22.45 -27.18 13.77
C LEU B 95 23.76 -26.62 13.20
N LEU B 96 24.04 -25.35 13.47
CA LEU B 96 25.24 -24.72 12.92
C LEU B 96 26.51 -25.41 13.43
N ARG B 97 26.46 -25.85 14.69
CA ARG B 97 27.55 -26.60 15.30
C ARG B 97 27.69 -27.99 14.66
N LYS B 98 26.56 -28.66 14.51
CA LYS B 98 26.55 -30.03 14.03
C LYS B 98 26.84 -30.10 12.55
N TYR B 99 26.43 -29.05 11.83
CA TYR B 99 26.50 -29.03 10.38
C TYR B 99 27.29 -27.85 9.79
N PRO B 100 28.63 -27.91 9.87
CA PRO B 100 29.50 -26.84 9.39
C PRO B 100 29.49 -26.63 7.87
N LYS B 101 29.09 -27.63 7.10
CA LYS B 101 28.97 -27.47 5.65
C LYS B 101 27.75 -26.62 5.29
N MET B 102 26.72 -26.71 6.11
CA MET B 102 25.56 -25.85 5.99
C MET B 102 25.86 -24.42 6.42
N ALA B 103 26.52 -24.26 7.57
CA ALA B 103 26.95 -22.95 8.04
C ALA B 103 27.78 -22.28 6.97
N GLU B 104 28.62 -23.07 6.30
CA GLU B 104 29.49 -22.57 5.26
C GLU B 104 28.71 -22.28 3.99
N ALA B 105 27.70 -23.10 3.71
CA ALA B 105 26.88 -22.93 2.51
C ALA B 105 26.05 -21.65 2.55
N LEU B 106 25.54 -21.33 3.72
CA LEU B 106 24.74 -20.14 3.92
C LEU B 106 25.55 -18.89 3.65
N ASP B 107 24.86 -17.84 3.25
CA ASP B 107 25.54 -16.59 2.99
C ASP B 107 25.27 -15.57 4.09
N LYS B 108 24.39 -15.96 5.01
CA LYS B 108 23.96 -15.11 6.13
C LYS B 108 23.16 -15.94 7.11
N PHE B 109 23.30 -15.64 8.39
CA PHE B 109 22.47 -16.32 9.38
C PHE B 109 21.44 -15.35 9.92
N ARG B 110 20.21 -15.82 10.12
CA ARG B 110 19.23 -15.04 10.86
C ARG B 110 19.14 -15.58 12.26
N ILE B 111 19.25 -14.70 13.27
CA ILE B 111 19.01 -15.07 14.67
C ILE B 111 17.79 -14.36 15.23
N ASN B 112 16.90 -15.06 15.93
CA ASN B 112 15.82 -14.39 16.64
C ASN B 112 16.11 -14.37 18.14
N PRO B 113 16.26 -13.17 18.71
CA PRO B 113 16.63 -13.08 20.13
C PRO B 113 15.49 -13.50 21.03
N GLY B 114 14.34 -13.79 20.43
CA GLY B 114 13.20 -14.25 21.19
C GLY B 114 13.06 -15.76 21.16
N THR B 115 13.82 -16.45 20.30
CA THR B 115 13.78 -17.91 20.27
C THR B 115 15.15 -18.55 20.51
N LEU B 116 15.88 -18.06 21.51
CA LEU B 116 17.21 -18.57 21.73
C LEU B 116 17.20 -19.78 22.64
N GLY B 117 16.26 -19.78 23.57
CA GLY B 117 16.35 -20.61 24.76
C GLY B 117 16.12 -19.67 25.94
N ARG B 118 15.72 -20.22 27.07
CA ARG B 118 15.27 -19.42 28.20
C ARG B 118 16.16 -19.47 29.45
N GLY B 119 17.10 -18.53 29.54
CA GLY B 119 17.82 -18.33 30.80
C GLY B 119 19.28 -17.99 30.75
N ARG B 120 20.09 -18.93 31.24
CA ARG B 120 21.55 -18.77 31.30
C ARG B 120 22.22 -19.62 30.24
N HIS B 121 21.54 -20.66 29.74
CA HIS B 121 22.00 -21.30 28.52
C HIS B 121 21.59 -20.46 27.30
N LYS B 122 20.69 -19.50 27.54
CA LYS B 122 20.23 -18.60 26.50
C LYS B 122 21.35 -17.74 25.92
N ASP B 123 22.26 -17.29 26.78
CA ASP B 123 23.39 -16.50 26.33
C ASP B 123 24.39 -17.36 25.56
N GLU B 124 24.57 -18.60 26.02
CA GLU B 124 25.51 -19.50 25.36
C GLU B 124 25.12 -19.85 23.93
N HIS B 125 23.83 -20.09 23.71
CA HIS B 125 23.30 -20.31 22.37
C HIS B 125 23.57 -19.10 21.51
N PHE B 126 23.32 -17.94 22.08
CA PHE B 126 23.59 -16.72 21.36
C PHE B 126 25.06 -16.65 21.02
N ALA B 127 25.92 -16.87 22.00
CA ALA B 127 27.36 -16.76 21.81
C ALA B 127 27.92 -17.80 20.82
N GLU B 128 27.36 -19.00 20.86
CA GLU B 128 27.84 -20.04 19.94
C GLU B 128 27.55 -19.62 18.51
N MET B 129 26.34 -19.11 18.27
CA MET B 129 25.96 -18.74 16.91
C MET B 129 26.82 -17.61 16.38
N ILE B 130 27.11 -16.63 17.22
CA ILE B 130 27.93 -15.50 16.81
C ILE B 130 29.34 -15.98 16.51
N ARG B 131 29.86 -16.87 17.35
CA ARG B 131 31.20 -17.39 17.16
C ARG B 131 31.39 -18.08 15.81
N ILE B 132 30.37 -18.84 15.40
CA ILE B 132 30.45 -19.57 14.16
C ILE B 132 30.41 -18.59 13.00
N ALA B 133 29.60 -17.54 13.14
CA ALA B 133 29.51 -16.50 12.12
C ALA B 133 30.85 -15.81 11.99
N MET B 134 31.46 -15.51 13.13
CA MET B 134 32.76 -14.84 13.15
C MET B 134 33.82 -15.75 12.56
N ASP B 135 33.80 -17.04 12.86
CA ASP B 135 34.82 -17.94 12.35
C ASP B 135 34.71 -18.02 10.84
N LEU B 136 33.49 -17.94 10.33
CA LEU B 136 33.26 -18.08 8.90
C LEU B 136 33.14 -16.76 8.16
N GLY B 137 33.08 -15.66 8.90
CA GLY B 137 32.96 -14.34 8.27
C GLY B 137 31.59 -14.10 7.67
N LYS B 138 30.59 -14.73 8.28
CA LYS B 138 29.19 -14.64 7.86
C LYS B 138 28.48 -13.44 8.49
N PRO B 139 27.66 -12.73 7.70
CA PRO B 139 26.81 -11.68 8.27
C PRO B 139 25.66 -12.29 9.06
N VAL B 140 25.11 -11.51 9.97
CA VAL B 140 24.03 -11.99 10.82
C VAL B 140 22.91 -10.97 10.84
N ARG B 141 21.67 -11.45 10.76
CA ARG B 141 20.55 -10.58 11.11
C ARG B 141 20.08 -10.91 12.50
N ILE B 142 20.08 -9.91 13.37
CA ILE B 142 19.37 -10.04 14.62
C ILE B 142 17.98 -9.51 14.42
N GLY B 143 17.02 -10.43 14.36
CA GLY B 143 15.64 -10.09 14.07
C GLY B 143 14.66 -10.44 15.16
N ALA B 144 14.10 -9.41 15.78
CA ALA B 144 13.05 -9.61 16.77
C ALA B 144 11.70 -9.61 16.06
N ASN B 145 10.72 -10.24 16.69
CA ASN B 145 9.38 -10.33 16.15
C ASN B 145 8.47 -10.49 17.37
N TRP B 146 7.40 -9.70 17.44
CA TRP B 146 6.62 -9.58 18.67
C TRP B 146 5.72 -10.80 18.88
N GLY B 147 5.73 -11.71 17.92
CA GLY B 147 5.05 -12.98 18.07
C GLY B 147 5.91 -13.97 18.83
N SER B 148 7.16 -13.59 19.05
CA SER B 148 8.09 -14.41 19.79
C SER B 148 8.98 -13.53 20.65
N LEU B 149 8.36 -12.67 21.43
CA LEU B 149 9.08 -11.71 22.27
C LEU B 149 9.71 -12.35 23.51
N ASP B 150 11.00 -12.08 23.70
CA ASP B 150 11.75 -12.55 24.88
C ASP B 150 11.02 -12.20 26.17
N PRO B 151 10.47 -13.20 26.86
CA PRO B 151 9.66 -12.92 28.03
C PRO B 151 10.40 -12.19 29.13
N ALA B 152 11.69 -12.49 29.30
CA ALA B 152 12.50 -11.87 30.36
C ALA B 152 12.64 -10.38 30.16
N LEU B 153 12.70 -9.97 28.90
CA LEU B 153 12.88 -8.56 28.61
C LEU B 153 11.59 -7.78 28.84
N LEU B 154 10.46 -8.38 28.46
CA LEU B 154 9.17 -7.75 28.67
C LEU B 154 8.94 -7.54 30.16
N THR B 155 9.22 -8.58 30.94
CA THR B 155 9.08 -8.51 32.37
C THR B 155 9.93 -7.35 32.89
N GLU B 156 11.16 -7.29 32.43
CA GLU B 156 12.11 -6.30 32.91
C GLU B 156 11.63 -4.88 32.62
N LEU B 157 11.05 -4.69 31.44
CA LEU B 157 10.59 -3.37 31.05
C LEU B 157 9.21 -3.08 31.66
N MET B 158 8.44 -4.14 31.89
CA MET B 158 7.22 -4.00 32.66
C MET B 158 7.60 -3.51 34.06
N ASP B 159 8.61 -4.11 34.66
CA ASP B 159 9.09 -3.63 35.95
C ASP B 159 9.56 -2.16 35.88
N ARG B 160 10.36 -1.85 34.86
CA ARG B 160 10.89 -0.50 34.68
C ARG B 160 9.79 0.53 34.54
N ASN B 161 8.86 0.27 33.63
CA ASN B 161 7.77 1.18 33.35
C ASN B 161 6.86 1.44 34.54
N ALA B 162 6.70 0.42 35.38
CA ALA B 162 5.83 0.52 36.53
C ALA B 162 6.27 1.56 37.56
N SER B 163 7.50 2.05 37.46
CA SER B 163 8.00 2.99 38.46
C SER B 163 8.42 4.32 37.85
N ARG B 164 8.04 4.53 36.60
CA ARG B 164 8.21 5.84 35.98
C ARG B 164 7.18 6.76 36.59
N PRO B 165 7.54 8.05 36.76
CA PRO B 165 6.61 9.07 37.27
C PRO B 165 5.29 9.09 36.48
N GLU B 166 5.37 8.75 35.20
CA GLU B 166 4.17 8.57 34.41
C GLU B 166 4.32 7.35 33.52
N PRO B 167 3.91 6.17 34.02
CA PRO B 167 4.03 4.90 33.30
C PRO B 167 3.38 4.94 31.93
N LYS B 168 3.99 4.28 30.95
CA LYS B 168 3.38 4.19 29.63
C LYS B 168 2.42 3.01 29.56
N SER B 169 1.63 2.95 28.49
CA SER B 169 0.64 1.89 28.32
C SER B 169 1.33 0.53 28.17
N ALA B 170 0.63 -0.53 28.58
CA ALA B 170 1.19 -1.88 28.45
C ALA B 170 1.50 -2.17 27.00
N HIS B 171 0.71 -1.60 26.10
CA HIS B 171 0.96 -1.81 24.69
C HIS B 171 2.28 -1.16 24.27
N GLU B 172 2.48 0.07 24.72
CA GLU B 172 3.72 0.79 24.37
C GLU B 172 4.91 0.10 24.96
N VAL B 173 4.72 -0.51 26.13
CA VAL B 173 5.78 -1.28 26.76
C VAL B 173 6.14 -2.55 25.98
N VAL B 174 5.17 -3.19 25.35
CA VAL B 174 5.50 -4.36 24.53
C VAL B 174 6.44 -3.95 23.41
N LEU B 175 6.13 -2.82 22.79
CA LEU B 175 6.97 -2.26 21.74
C LEU B 175 8.36 -1.89 22.22
N GLU B 176 8.43 -1.23 23.38
CA GLU B 176 9.71 -0.88 23.97
C GLU B 176 10.58 -2.11 24.13
N ALA B 177 9.97 -3.16 24.65
CA ALA B 177 10.65 -4.43 24.95
C ALA B 177 11.12 -5.12 23.67
N LEU B 178 10.39 -4.94 22.59
CA LEU B 178 10.80 -5.53 21.32
C LEU B 178 12.04 -4.81 20.80
N VAL B 179 11.96 -3.48 20.75
CA VAL B 179 13.09 -2.67 20.36
C VAL B 179 14.29 -3.03 21.24
N GLU B 180 14.04 -3.13 22.54
CA GLU B 180 15.13 -3.39 23.48
C GLU B 180 15.75 -4.74 23.29
N SER B 181 14.97 -5.72 22.86
CA SER B 181 15.47 -7.06 22.57
CA SER B 181 15.50 -7.05 22.60
C SER B 181 16.48 -7.00 21.44
N ALA B 182 16.10 -6.27 20.40
CA ALA B 182 16.92 -6.16 19.20
C ALA B 182 18.18 -5.36 19.46
N VAL B 183 18.03 -4.24 20.15
CA VAL B 183 19.16 -3.38 20.42
C VAL B 183 20.18 -4.04 21.34
N ARG B 184 19.70 -4.64 22.43
CA ARG B 184 20.61 -5.30 23.37
C ARG B 184 21.29 -6.51 22.74
N ALA B 185 20.59 -7.23 21.86
CA ALA B 185 21.23 -8.35 21.19
C ALA B 185 22.29 -7.84 20.21
N TYR B 186 21.96 -6.76 19.50
CA TYR B 186 22.88 -6.10 18.56
C TYR B 186 24.14 -5.64 19.28
N GLU B 187 23.96 -4.98 20.43
CA GLU B 187 25.10 -4.46 21.18
C GLU B 187 25.94 -5.58 21.79
N ALA B 188 25.31 -6.69 22.14
CA ALA B 188 26.03 -7.87 22.66
C ALA B 188 26.91 -8.48 21.59
N ALA B 189 26.44 -8.50 20.36
CA ALA B 189 27.18 -9.07 19.24
C ALA B 189 28.38 -8.21 18.88
N LEU B 190 28.18 -6.89 18.92
CA LEU B 190 29.28 -5.96 18.73
C LEU B 190 30.32 -6.11 19.82
N GLU B 191 29.87 -6.40 21.03
CA GLU B 191 30.79 -6.52 22.15
C GLU B 191 31.61 -7.78 22.00
N MET B 192 31.05 -8.80 21.35
CA MET B 192 31.78 -10.03 21.05
C MET B 192 32.76 -9.85 19.91
N GLY B 193 32.67 -8.73 19.18
CA GLY B 193 33.60 -8.47 18.09
C GLY B 193 33.07 -8.75 16.69
N LEU B 194 31.78 -9.03 16.59
CA LEU B 194 31.19 -9.13 15.27
C LEU B 194 31.24 -7.74 14.65
N GLY B 195 31.75 -7.64 13.42
CA GLY B 195 31.96 -6.32 12.84
C GLY B 195 30.69 -5.60 12.45
N GLU B 196 30.72 -4.27 12.52
CA GLU B 196 29.57 -3.48 12.10
C GLU B 196 29.14 -3.80 10.67
N ASP B 197 30.08 -4.30 9.90
CA ASP B 197 29.87 -4.62 8.51
C ASP B 197 29.34 -6.03 8.34
N LYS B 198 28.88 -6.65 9.43
CA LYS B 198 28.33 -8.00 9.40
C LYS B 198 27.02 -8.18 10.15
N LEU B 199 26.32 -7.08 10.46
CA LEU B 199 25.15 -7.13 11.34
C LEU B 199 23.98 -6.29 10.87
N VAL B 200 22.86 -6.96 10.65
CA VAL B 200 21.63 -6.34 10.17
C VAL B 200 20.60 -6.50 11.27
N LEU B 201 19.73 -5.51 11.43
CA LEU B 201 18.72 -5.57 12.49
C LEU B 201 17.31 -5.52 11.94
N SER B 202 16.38 -6.16 12.64
CA SER B 202 14.97 -5.98 12.34
C SER B 202 14.17 -6.11 13.64
N ALA B 203 12.96 -5.57 13.70
CA ALA B 203 12.09 -5.83 14.86
C ALA B 203 10.65 -5.63 14.46
N LYS B 204 9.99 -6.71 14.08
CA LYS B 204 8.73 -6.61 13.36
C LYS B 204 7.52 -6.83 14.25
N VAL B 205 6.46 -6.10 13.91
CA VAL B 205 5.16 -6.23 14.52
C VAL B 205 4.17 -6.27 13.37
N SER B 206 2.91 -6.54 13.67
CA SER B 206 1.96 -6.77 12.60
C SER B 206 0.96 -5.64 12.37
N LYS B 207 1.13 -4.53 13.05
CA LYS B 207 0.27 -3.37 12.82
CA LYS B 207 0.27 -3.38 12.81
C LYS B 207 1.09 -2.20 12.31
N ALA B 208 0.64 -1.62 11.22
CA ALA B 208 1.37 -0.55 10.54
C ALA B 208 1.79 0.58 11.49
N ARG B 209 0.87 1.04 12.33
CA ARG B 209 1.15 2.17 13.21
C ARG B 209 2.24 1.82 14.23
N ASP B 210 2.23 0.58 14.70
CA ASP B 210 3.24 0.11 15.65
C ASP B 210 4.60 0.04 14.97
N LEU B 211 4.63 -0.50 13.76
CA LEU B 211 5.88 -0.75 13.04
C LEU B 211 6.65 0.54 12.80
N VAL B 212 5.95 1.62 12.55
CA VAL B 212 6.60 2.92 12.37
C VAL B 212 7.21 3.38 13.69
N TRP B 213 6.49 3.18 14.76
CA TRP B 213 7.01 3.52 16.06
C TRP B 213 8.31 2.77 16.25
N VAL B 214 8.22 1.46 16.08
CA VAL B 214 9.33 0.56 16.33
C VAL B 214 10.56 0.90 15.50
N TYR B 215 10.43 1.06 14.19
CA TYR B 215 11.64 1.31 13.42
C TYR B 215 12.20 2.72 13.62
N ARG B 216 11.37 3.67 14.06
CA ARG B 216 11.90 5.00 14.36
C ARG B 216 12.83 4.89 15.55
N GLU B 217 12.46 4.08 16.53
CA GLU B 217 13.31 3.90 17.69
C GLU B 217 14.58 3.12 17.32
N LEU B 218 14.42 2.10 16.49
CA LEU B 218 15.56 1.33 15.99
C LEU B 218 16.61 2.22 15.33
N ALA B 219 16.15 3.05 14.40
CA ALA B 219 17.00 4.00 13.72
C ALA B 219 17.64 4.96 14.71
N ARG B 220 16.90 5.39 15.71
CA ARG B 220 17.44 6.36 16.66
C ARG B 220 18.53 5.71 17.51
N ARG B 221 18.31 4.46 17.88
CA ARG B 221 19.21 3.83 18.85
C ARG B 221 20.35 3.01 18.28
N THR B 222 20.37 2.79 16.97
CA THR B 222 21.45 2.00 16.36
C THR B 222 21.93 2.53 15.02
N GLN B 223 23.07 2.03 14.57
CA GLN B 223 23.67 2.49 13.32
C GLN B 223 23.56 1.43 12.22
N ALA B 224 22.92 0.31 12.56
CA ALA B 224 22.93 -0.87 11.71
C ALA B 224 22.00 -0.72 10.55
N PRO B 225 22.34 -1.32 9.40
CA PRO B 225 21.36 -1.38 8.31
C PRO B 225 20.10 -2.05 8.83
N LEU B 226 18.94 -1.64 8.36
CA LEU B 226 17.70 -2.19 8.91
C LEU B 226 16.92 -3.02 7.91
N HIS B 227 16.57 -4.22 8.31
CA HIS B 227 15.65 -5.04 7.54
C HIS B 227 14.24 -4.68 7.95
N LEU B 228 13.45 -4.20 7.00
CA LEU B 228 12.11 -3.68 7.24
C LEU B 228 11.03 -4.52 6.62
N GLY B 229 10.06 -4.91 7.44
CA GLY B 229 8.87 -5.60 6.96
C GLY B 229 7.78 -5.59 8.02
N LEU B 230 6.54 -5.67 7.55
CA LEU B 230 5.39 -5.84 8.40
C LEU B 230 5.09 -7.32 8.41
N THR B 231 5.32 -7.94 9.55
CA THR B 231 5.19 -9.38 9.66
C THR B 231 3.74 -9.78 9.76
N GLU B 232 3.43 -11.01 9.35
CA GLU B 232 2.06 -11.54 9.37
C GLU B 232 1.04 -10.57 8.77
N ALA B 233 1.28 -10.18 7.52
CA ALA B 233 0.51 -9.14 6.84
C ALA B 233 -0.89 -9.58 6.42
N GLY B 234 -1.03 -10.86 6.12
CA GLY B 234 -2.32 -11.42 5.78
C GLY B 234 -2.50 -11.64 4.29
N MET B 235 -3.75 -11.84 3.90
CA MET B 235 -4.09 -12.27 2.54
C MET B 235 -4.64 -11.19 1.66
N GLY B 236 -4.55 -11.43 0.36
CA GLY B 236 -5.24 -10.62 -0.63
C GLY B 236 -4.91 -9.15 -0.57
N VAL B 237 -5.90 -8.34 -0.94
CA VAL B 237 -5.76 -6.90 -0.94
C VAL B 237 -5.34 -6.39 0.42
N LYS B 238 -5.91 -6.97 1.48
CA LYS B 238 -5.57 -6.54 2.84
C LYS B 238 -4.09 -6.66 3.09
N GLY B 239 -3.50 -7.80 2.74
CA GLY B 239 -2.11 -8.03 3.02
C GLY B 239 -1.21 -7.10 2.20
N ILE B 240 -1.63 -6.83 0.99
CA ILE B 240 -0.84 -5.98 0.11
C ILE B 240 -0.85 -4.54 0.62
N VAL B 241 -2.05 -4.05 0.91
CA VAL B 241 -2.27 -2.70 1.42
C VAL B 241 -1.58 -2.45 2.75
N ALA B 242 -1.72 -3.38 3.69
CA ALA B 242 -1.10 -3.22 5.01
C ALA B 242 0.41 -3.11 4.88
N SER B 243 0.97 -3.93 3.99
CA SER B 243 2.42 -3.93 3.81
C SER B 243 2.92 -2.61 3.28
N ALA B 244 2.26 -2.10 2.25
CA ALA B 244 2.66 -0.84 1.66
C ALA B 244 2.44 0.33 2.59
N ALA B 245 1.33 0.31 3.33
CA ALA B 245 1.01 1.43 4.21
C ALA B 245 1.96 1.48 5.39
N ALA B 246 2.45 0.33 5.79
CA ALA B 246 3.36 0.25 6.92
C ALA B 246 4.75 0.72 6.54
N LEU B 247 5.21 0.29 5.38
CA LEU B 247 6.59 0.52 5.02
C LEU B 247 6.81 1.93 4.51
N ALA B 248 5.83 2.48 3.81
CA ALA B 248 6.01 3.76 3.11
C ALA B 248 6.40 4.94 4.00
N PRO B 249 5.70 5.16 5.13
CA PRO B 249 6.10 6.32 5.93
C PRO B 249 7.56 6.24 6.38
N LEU B 250 7.97 5.02 6.70
CA LEU B 250 9.33 4.76 7.14
C LEU B 250 10.33 4.96 6.04
N LEU B 251 10.05 4.42 4.86
CA LEU B 251 10.97 4.58 3.74
C LEU B 251 11.09 6.02 3.29
N LEU B 252 10.00 6.75 3.37
CA LEU B 252 10.03 8.15 3.00
C LEU B 252 10.88 8.94 4.00
N GLU B 253 11.00 8.40 5.21
CA GLU B 253 11.86 8.98 6.24
C GLU B 253 13.33 8.61 6.10
N GLY B 254 13.63 7.72 5.16
CA GLY B 254 14.99 7.24 4.93
C GLY B 254 15.38 6.05 5.79
N ILE B 255 14.39 5.38 6.39
CA ILE B 255 14.63 4.21 7.22
C ILE B 255 14.26 2.92 6.46
N GLY B 256 15.23 2.02 6.36
CA GLY B 256 15.05 0.72 5.72
C GLY B 256 16.11 0.46 4.66
N ASP B 257 16.83 -0.65 4.76
CA ASP B 257 17.90 -0.88 3.80
C ASP B 257 17.71 -2.15 2.98
N THR B 258 16.76 -2.98 3.40
CA THR B 258 16.29 -4.13 2.65
C THR B 258 14.89 -4.41 3.16
N ILE B 259 14.00 -4.90 2.28
CA ILE B 259 12.64 -5.19 2.72
C ILE B 259 12.18 -6.62 2.36
N ARG B 260 11.25 -7.14 3.16
CA ARG B 260 10.54 -8.35 2.78
C ARG B 260 9.06 -8.11 3.04
N VAL B 261 8.23 -8.53 2.10
CA VAL B 261 6.79 -8.49 2.24
C VAL B 261 6.26 -9.87 2.62
N SER B 262 5.62 -9.95 3.79
CA SER B 262 5.15 -11.19 4.39
C SER B 262 3.67 -11.50 4.09
N LEU B 263 3.36 -11.73 2.81
CA LEU B 263 2.00 -12.06 2.35
C LEU B 263 1.65 -13.52 2.58
N THR B 264 0.42 -13.78 3.03
CA THR B 264 -0.09 -15.13 3.03
C THR B 264 -0.61 -15.46 1.63
N PRO B 265 -0.01 -16.47 0.99
CA PRO B 265 -0.41 -16.71 -0.39
C PRO B 265 -1.78 -17.34 -0.48
N SER B 266 -2.53 -17.00 -1.53
CA SER B 266 -3.73 -17.75 -1.82
C SER B 266 -3.28 -19.05 -2.44
N PRO B 267 -4.03 -20.14 -2.22
CA PRO B 267 -3.65 -21.41 -2.82
C PRO B 267 -3.48 -21.32 -4.35
N LYS B 268 -4.17 -20.39 -4.99
CA LYS B 268 -4.04 -20.25 -6.43
C LYS B 268 -2.97 -19.21 -6.82
N GLU B 269 -2.20 -18.75 -5.83
CA GLU B 269 -1.17 -17.73 -6.05
C GLU B 269 0.25 -18.24 -5.89
N PRO B 270 1.19 -17.69 -6.67
CA PRO B 270 2.58 -18.11 -6.53
C PRO B 270 3.33 -17.36 -5.44
N ARG B 271 4.33 -18.03 -4.85
CA ARG B 271 5.14 -17.42 -3.80
C ARG B 271 5.87 -16.17 -4.28
N THR B 272 5.95 -16.01 -5.60
CA THR B 272 6.63 -14.85 -6.17
C THR B 272 5.82 -13.57 -6.01
N LYS B 273 4.57 -13.69 -5.58
CA LYS B 273 3.72 -12.51 -5.42
C LYS B 273 4.27 -11.52 -4.40
N GLU B 274 4.87 -12.00 -3.32
CA GLU B 274 5.38 -11.08 -2.31
C GLU B 274 6.53 -10.26 -2.89
N VAL B 275 7.25 -10.85 -3.83
CA VAL B 275 8.30 -10.10 -4.50
C VAL B 275 7.72 -8.96 -5.32
N GLU B 276 6.64 -9.25 -6.03
CA GLU B 276 5.95 -8.24 -6.83
C GLU B 276 5.62 -7.05 -5.96
N VAL B 277 5.07 -7.32 -4.78
CA VAL B 277 4.61 -6.27 -3.87
C VAL B 277 5.78 -5.46 -3.33
N ALA B 278 6.85 -6.14 -2.94
CA ALA B 278 8.01 -5.43 -2.45
C ALA B 278 8.58 -4.53 -3.53
N GLN B 279 8.61 -5.03 -4.76
CA GLN B 279 9.07 -4.22 -5.88
C GLN B 279 8.19 -2.99 -6.06
N GLU B 280 6.87 -3.17 -6.09
CA GLU B 280 6.00 -2.02 -6.37
C GLU B 280 6.08 -0.99 -5.25
N ILE B 281 6.40 -1.44 -4.04
CA ILE B 281 6.52 -0.51 -2.92
C ILE B 281 7.71 0.40 -3.15
N LEU B 282 8.86 -0.19 -3.47
CA LEU B 282 10.06 0.60 -3.63
C LEU B 282 9.97 1.51 -4.84
N GLN B 283 9.44 0.97 -5.94
CA GLN B 283 9.33 1.74 -7.17
C GLN B 283 8.30 2.86 -7.08
N ALA B 284 7.21 2.61 -6.38
CA ALA B 284 6.19 3.64 -6.17
C ALA B 284 6.74 4.81 -5.38
N LEU B 285 7.76 4.55 -4.56
CA LEU B 285 8.36 5.58 -3.73
C LEU B 285 9.59 6.17 -4.39
N GLY B 286 9.84 5.77 -5.63
CA GLY B 286 10.92 6.32 -6.44
C GLY B 286 12.29 5.93 -5.91
N LEU B 287 12.31 4.90 -5.07
CA LEU B 287 13.54 4.44 -4.41
C LEU B 287 14.29 3.35 -5.19
N ARG B 288 13.55 2.65 -6.05
CA ARG B 288 14.11 1.70 -7.02
C ARG B 288 13.37 1.79 -8.35
N ALA B 289 13.97 1.24 -9.39
CA ALA B 289 13.30 1.07 -10.66
C ALA B 289 13.55 -0.35 -11.16
N PHE B 290 12.49 -1.15 -11.28
CA PHE B 290 12.67 -2.53 -11.71
C PHE B 290 12.21 -2.77 -13.15
N ALA B 291 11.10 -2.16 -13.50
CA ALA B 291 10.46 -2.40 -14.78
C ALA B 291 9.53 -1.25 -15.12
N PRO B 292 9.32 -1.00 -16.43
CA PRO B 292 8.39 0.03 -16.89
C PRO B 292 7.04 -0.04 -16.19
N GLU B 293 6.41 1.12 -16.01
CA GLU B 293 5.14 1.18 -15.34
C GLU B 293 4.14 1.97 -16.17
N VAL B 294 2.87 1.73 -15.89
CA VAL B 294 1.78 2.45 -16.53
C VAL B 294 0.97 3.27 -15.53
N THR B 295 0.91 4.58 -15.79
CA THR B 295 0.02 5.47 -15.08
C THR B 295 -1.24 5.59 -15.88
N SER B 296 -2.36 5.18 -15.30
CA SER B 296 -3.62 5.25 -16.01
C SER B 296 -4.73 5.75 -15.10
N CYS B 297 -5.67 6.45 -15.69
CA CYS B 297 -6.78 7.02 -14.95
C CYS B 297 -7.77 5.91 -14.62
N PRO B 298 -8.69 6.13 -13.68
CA PRO B 298 -9.66 5.07 -13.39
C PRO B 298 -10.67 4.85 -14.50
N GLY B 299 -10.80 5.80 -15.41
CA GLY B 299 -11.91 5.82 -16.36
C GLY B 299 -13.12 6.32 -15.60
N CYS B 300 -13.94 7.15 -16.26
CA CYS B 300 -15.20 7.55 -15.68
C CYS B 300 -16.21 7.65 -16.82
N GLY B 301 -17.35 8.27 -16.57
CA GLY B 301 -18.44 8.32 -17.53
C GLY B 301 -18.08 9.08 -18.79
N ARG B 302 -16.92 9.74 -18.77
CA ARG B 302 -16.44 10.55 -19.89
C ARG B 302 -15.72 9.75 -20.97
N THR B 303 -15.44 8.47 -20.72
CA THR B 303 -14.72 7.66 -21.69
C THR B 303 -15.42 6.28 -21.82
N THR B 304 -15.16 5.57 -22.91
CA THR B 304 -15.75 4.24 -23.12
C THR B 304 -15.02 3.19 -22.29
N SER B 305 -15.75 2.58 -21.37
CA SER B 305 -15.17 1.77 -20.31
C SER B 305 -14.38 0.57 -20.81
N THR B 306 -15.04 -0.27 -21.59
CA THR B 306 -14.42 -1.47 -22.12
C THR B 306 -13.20 -1.13 -22.99
N PHE B 307 -13.35 -0.17 -23.89
CA PHE B 307 -12.24 0.22 -24.75
C PHE B 307 -11.05 0.64 -23.91
N PHE B 308 -11.30 1.50 -22.93
CA PHE B 308 -10.24 2.10 -22.15
C PHE B 308 -9.48 1.07 -21.30
N GLN B 309 -10.22 0.30 -20.51
CA GLN B 309 -9.62 -0.73 -19.66
C GLN B 309 -8.86 -1.78 -20.47
N GLU B 310 -9.32 -2.05 -21.69
CA GLU B 310 -8.64 -2.98 -22.59
C GLU B 310 -7.32 -2.39 -23.07
N LEU B 311 -7.35 -1.13 -23.46
CA LEU B 311 -6.15 -0.46 -23.91
C LEU B 311 -5.12 -0.41 -22.78
N ALA B 312 -5.54 -0.02 -21.57
CA ALA B 312 -4.64 0.07 -20.44
C ALA B 312 -4.03 -1.29 -20.13
N GLU B 313 -4.86 -2.32 -20.16
CA GLU B 313 -4.41 -3.69 -19.88
C GLU B 313 -3.42 -4.19 -20.92
N GLU B 314 -3.72 -3.99 -22.20
CA GLU B 314 -2.80 -4.42 -23.25
C GLU B 314 -1.44 -3.70 -23.20
N VAL B 315 -1.45 -2.42 -22.85
CA VAL B 315 -0.20 -1.67 -22.78
C VAL B 315 0.65 -2.23 -21.64
N SER B 316 0.03 -2.48 -20.50
CA SER B 316 0.78 -3.04 -19.39
C SER B 316 1.30 -4.44 -19.65
N ARG B 317 0.53 -5.23 -20.41
CA ARG B 317 0.95 -6.58 -20.71
C ARG B 317 2.08 -6.56 -21.75
N ARG B 318 1.98 -5.69 -22.74
CA ARG B 318 3.04 -5.62 -23.72
C ARG B 318 4.35 -5.18 -23.11
N LEU B 319 4.30 -4.18 -22.22
CA LEU B 319 5.51 -3.71 -21.55
C LEU B 319 6.20 -4.87 -20.83
N LYS B 320 5.41 -5.61 -20.08
CA LYS B 320 5.89 -6.79 -19.37
C LYS B 320 6.44 -7.82 -20.37
N GLU B 321 5.81 -7.90 -21.53
CA GLU B 321 6.22 -8.85 -22.57
C GLU B 321 7.56 -8.47 -23.16
N ARG B 322 7.74 -7.18 -23.42
CA ARG B 322 8.93 -6.68 -24.09
C ARG B 322 10.08 -6.51 -23.13
N LEU B 323 9.80 -6.54 -21.83
CA LEU B 323 10.81 -6.22 -20.84
C LEU B 323 12.08 -7.07 -20.93
N PRO B 324 11.96 -8.41 -21.08
CA PRO B 324 13.17 -9.24 -21.18
C PRO B 324 14.13 -8.82 -22.31
N GLU B 325 13.57 -8.42 -23.45
CA GLU B 325 14.38 -7.91 -24.56
C GLU B 325 14.93 -6.52 -24.29
N TRP B 326 14.11 -5.63 -23.72
CA TRP B 326 14.51 -4.25 -23.49
C TRP B 326 15.64 -4.14 -22.47
N ARG B 327 15.65 -5.02 -21.48
CA ARG B 327 16.70 -5.02 -20.48
C ARG B 327 18.07 -5.19 -21.13
N ALA B 328 18.17 -6.16 -22.03
CA ALA B 328 19.42 -6.47 -22.70
C ALA B 328 19.78 -5.42 -23.73
N ARG B 329 18.80 -5.02 -24.52
CA ARG B 329 19.03 -4.09 -25.62
C ARG B 329 19.25 -2.67 -25.13
N TYR B 330 18.38 -2.21 -24.23
CA TYR B 330 18.34 -0.80 -23.85
C TYR B 330 18.48 -0.60 -22.36
N PRO B 331 19.71 -0.29 -21.91
CA PRO B 331 20.07 -0.05 -20.51
C PRO B 331 19.45 1.23 -19.97
N GLY B 332 18.71 1.10 -18.86
CA GLY B 332 18.05 2.21 -18.23
C GLY B 332 16.54 2.15 -18.41
N VAL B 333 16.07 1.19 -19.19
CA VAL B 333 14.65 1.09 -19.57
C VAL B 333 13.73 0.82 -18.36
N GLU B 334 14.33 0.41 -17.26
CA GLU B 334 13.58 0.18 -16.02
C GLU B 334 12.82 1.38 -15.52
N GLU B 335 13.31 2.57 -15.84
CA GLU B 335 12.65 3.81 -15.45
C GLU B 335 11.57 4.28 -16.39
N LEU B 336 11.26 3.52 -17.44
CA LEU B 336 10.27 3.99 -18.39
C LEU B 336 8.92 4.17 -17.69
N LYS B 337 8.31 5.32 -17.89
CA LYS B 337 7.00 5.64 -17.35
C LYS B 337 6.05 5.92 -18.51
N VAL B 338 5.00 5.13 -18.62
CA VAL B 338 3.99 5.24 -19.67
C VAL B 338 2.62 5.63 -19.11
N ALA B 339 1.94 6.56 -19.77
CA ALA B 339 0.59 6.97 -19.37
C ALA B 339 -0.47 6.50 -20.37
N VAL B 340 -1.64 6.10 -19.87
CA VAL B 340 -2.79 5.78 -20.73
C VAL B 340 -4.04 6.39 -20.12
N MET B 341 -4.63 7.38 -20.78
CA MET B 341 -5.66 8.19 -20.17
C MET B 341 -6.95 8.19 -21.01
N GLY B 342 -8.07 8.40 -20.33
CA GLY B 342 -9.39 8.21 -20.91
C GLY B 342 -10.00 9.39 -21.65
N CYS B 343 -9.57 10.60 -21.33
CA CYS B 343 -10.13 11.78 -22.00
C CYS B 343 -9.28 13.04 -21.81
N VAL B 344 -9.74 14.17 -22.34
CA VAL B 344 -8.90 15.36 -22.41
C VAL B 344 -8.79 16.14 -21.08
N VAL B 345 -9.57 15.75 -20.07
CA VAL B 345 -9.53 16.47 -18.81
C VAL B 345 -8.15 16.41 -18.20
N ASN B 346 -7.63 15.20 -17.98
CA ASN B 346 -6.28 15.06 -17.47
C ASN B 346 -5.38 14.26 -18.40
N GLY B 347 -5.94 13.79 -19.49
CA GLY B 347 -5.20 12.96 -20.40
C GLY B 347 -3.91 13.58 -20.88
N PRO B 348 -3.97 14.72 -21.55
CA PRO B 348 -2.74 15.36 -22.04
C PRO B 348 -1.78 15.76 -20.93
N GLY B 349 -2.32 16.35 -19.87
CA GLY B 349 -1.49 16.84 -18.77
C GLY B 349 -0.73 15.72 -18.11
N GLU B 350 -1.44 14.63 -17.81
CA GLU B 350 -0.81 13.48 -17.19
C GLU B 350 0.17 12.79 -18.16
N SER B 351 -0.18 12.75 -19.44
CA SER B 351 0.70 12.16 -20.45
C SER B 351 2.05 12.89 -20.48
N LYS B 352 2.04 14.22 -20.31
CA LYS B 352 3.29 14.98 -20.29
C LYS B 352 4.16 14.76 -19.06
N HIS B 353 3.64 14.08 -18.06
CA HIS B 353 4.45 13.77 -16.87
C HIS B 353 5.05 12.39 -17.01
N ALA B 354 4.67 11.71 -18.09
CA ALA B 354 5.19 10.39 -18.37
C ALA B 354 6.32 10.53 -19.37
N HIS B 355 7.03 9.45 -19.63
CA HIS B 355 8.00 9.43 -20.70
C HIS B 355 7.28 9.52 -22.01
N ILE B 356 6.24 8.69 -22.13
CA ILE B 356 5.40 8.68 -23.29
C ILE B 356 3.96 8.34 -22.86
N GLY B 357 2.97 8.96 -23.50
CA GLY B 357 1.59 8.71 -23.14
C GLY B 357 0.55 9.00 -24.18
N ILE B 358 -0.62 8.40 -24.01
CA ILE B 358 -1.74 8.60 -24.89
C ILE B 358 -3.02 8.91 -24.13
N SER B 359 -3.79 9.84 -24.65
CA SER B 359 -5.14 10.07 -24.16
CA SER B 359 -5.14 10.06 -24.15
C SER B 359 -6.13 9.82 -25.27
N LEU B 360 -7.18 9.08 -24.96
CA LEU B 360 -8.25 8.83 -25.89
C LEU B 360 -9.19 10.01 -25.89
N PRO B 361 -9.90 10.24 -26.99
CA PRO B 361 -10.95 11.27 -26.95
C PRO B 361 -12.17 10.83 -26.17
N GLY B 362 -12.56 11.58 -25.14
CA GLY B 362 -13.72 11.25 -24.37
C GLY B 362 -14.98 11.83 -24.99
N ALA B 363 -16.07 11.83 -24.24
CA ALA B 363 -17.32 12.43 -24.71
C ALA B 363 -17.17 13.94 -24.89
N GLY B 364 -17.57 14.41 -26.06
CA GLY B 364 -17.67 15.83 -26.31
C GLY B 364 -16.53 16.27 -27.20
N GLU B 365 -15.61 15.35 -27.49
CA GLU B 365 -14.33 15.76 -28.07
C GLU B 365 -14.22 15.27 -29.51
N GLU B 366 -13.48 16.02 -30.32
CA GLU B 366 -13.00 15.56 -31.62
C GLU B 366 -12.37 14.18 -31.51
N PRO B 367 -12.75 13.29 -32.44
CA PRO B 367 -12.27 11.89 -32.51
C PRO B 367 -10.78 11.82 -32.84
N LYS B 368 -9.95 12.21 -31.88
CA LYS B 368 -8.51 12.10 -32.01
C LYS B 368 -7.81 11.73 -30.69
N ALA B 369 -6.69 11.03 -30.77
CA ALA B 369 -6.03 10.56 -29.55
C ALA B 369 -4.58 10.94 -29.58
N PRO B 370 -4.25 12.08 -28.98
CA PRO B 370 -2.89 12.60 -28.90
C PRO B 370 -1.91 11.74 -28.15
N VAL B 371 -0.72 11.60 -28.73
CA VAL B 371 0.36 10.89 -28.05
C VAL B 371 1.48 11.87 -27.74
N TYR B 372 1.91 11.90 -26.49
CA TYR B 372 2.98 12.82 -26.09
C TYR B 372 4.21 12.05 -25.72
N ALA B 373 5.37 12.62 -26.04
CA ALA B 373 6.64 12.01 -25.68
C ALA B 373 7.57 13.12 -25.23
N ASP B 374 8.25 12.90 -24.11
CA ASP B 374 9.15 13.90 -23.52
C ASP B 374 8.46 15.24 -23.38
N GLY B 375 7.17 15.20 -23.04
CA GLY B 375 6.47 16.40 -22.69
C GLY B 375 5.81 17.16 -23.82
N LYS B 376 5.98 16.74 -25.06
CA LYS B 376 5.32 17.49 -26.14
C LYS B 376 4.62 16.57 -27.10
N LEU B 377 3.73 17.15 -27.91
CA LEU B 377 2.91 16.37 -28.82
C LEU B 377 3.81 15.66 -29.81
N LEU B 378 3.65 14.34 -29.89
CA LEU B 378 4.48 13.50 -30.74
C LEU B 378 3.69 13.16 -31.99
N THR B 379 2.43 12.77 -31.80
CA THR B 379 1.55 12.53 -32.93
C THR B 379 0.10 12.41 -32.45
N ILE B 380 -0.80 12.20 -33.38
CA ILE B 380 -2.22 12.12 -33.09
C ILE B 380 -2.79 10.94 -33.82
N LEU B 381 -3.26 9.97 -33.04
CA LEU B 381 -3.81 8.75 -33.58
C LEU B 381 -5.32 8.88 -33.80
N LYS B 382 -5.78 8.30 -34.90
CA LYS B 382 -7.21 8.24 -35.21
C LYS B 382 -7.58 6.85 -35.75
N GLY B 383 -8.82 6.43 -35.57
CA GLY B 383 -9.31 5.20 -36.17
C GLY B 383 -9.15 3.94 -35.36
N GLU B 384 -8.99 2.81 -36.06
CA GLU B 384 -8.84 1.50 -35.43
C GLU B 384 -7.38 1.18 -35.15
N GLY B 385 -7.13 0.15 -34.35
CA GLY B 385 -5.77 -0.29 -34.08
C GLY B 385 -4.91 0.73 -33.35
N ILE B 386 -5.54 1.45 -32.44
CA ILE B 386 -4.85 2.45 -31.65
C ILE B 386 -3.85 1.81 -30.67
N ALA B 387 -4.23 0.69 -30.11
CA ALA B 387 -3.34 0.00 -29.16
C ALA B 387 -2.02 -0.35 -29.82
N GLU B 388 -2.09 -0.98 -30.98
CA GLU B 388 -0.87 -1.44 -31.59
C GLU B 388 -0.06 -0.26 -32.11
N GLU B 389 -0.74 0.77 -32.59
CA GLU B 389 -0.07 1.99 -33.04
C GLU B 389 0.71 2.65 -31.90
N PHE B 390 0.07 2.76 -30.76
CA PHE B 390 0.69 3.32 -29.57
C PHE B 390 1.91 2.50 -29.17
N LEU B 391 1.76 1.18 -29.22
CA LEU B 391 2.85 0.29 -28.80
C LEU B 391 4.03 0.31 -29.76
N ARG B 392 3.79 0.69 -31.01
CA ARG B 392 4.87 0.91 -31.94
C ARG B 392 5.59 2.20 -31.64
N LEU B 393 4.84 3.21 -31.22
CA LEU B 393 5.44 4.48 -30.83
C LEU B 393 6.33 4.29 -29.59
N VAL B 394 5.88 3.48 -28.66
CA VAL B 394 6.62 3.20 -27.45
C VAL B 394 7.89 2.45 -27.75
N GLU B 395 7.77 1.47 -28.64
CA GLU B 395 8.91 0.66 -29.04
C GLU B 395 10.03 1.51 -29.63
N ASP B 396 9.65 2.43 -30.51
CA ASP B 396 10.62 3.34 -31.10
C ASP B 396 11.14 4.32 -30.07
N TYR B 397 10.28 4.74 -29.16
CA TYR B 397 10.69 5.68 -28.13
C TYR B 397 11.78 5.05 -27.30
N VAL B 398 11.54 3.83 -26.83
CA VAL B 398 12.49 3.11 -26.00
C VAL B 398 13.82 2.89 -26.72
N LYS B 399 13.73 2.61 -28.01
CA LYS B 399 14.92 2.40 -28.82
C LYS B 399 15.76 3.67 -28.86
N THR B 400 15.09 4.83 -28.87
CA THR B 400 15.78 6.11 -29.02
C THR B 400 16.31 6.69 -27.72
N ARG B 401 15.44 6.79 -26.73
CA ARG B 401 15.81 7.41 -25.46
C ARG B 401 16.81 6.58 -24.67
N PHE B 402 16.65 5.27 -24.66
CA PHE B 402 17.47 4.42 -23.81
C PHE B 402 18.52 3.60 -24.55
N ALA B 403 18.79 3.94 -25.81
CA ALA B 403 19.83 3.26 -26.57
C ALA B 403 21.19 3.34 -25.87
N PRO B 404 22.03 2.32 -26.07
CA PRO B 404 23.38 2.43 -25.51
C PRO B 404 24.16 3.53 -26.22
N LYS B 405 24.92 4.31 -25.48
CA LYS B 405 25.64 5.45 -26.06
C LYS B 405 26.97 5.66 -25.33
N ALA B 406 27.81 6.54 -25.87
CA ALA B 406 29.10 6.88 -25.28
C ALA B 406 29.98 5.65 -25.08
FE1 SF4 C . 6.95 -19.89 9.27
FE2 SF4 C . 5.88 -20.50 11.55
FE3 SF4 C . 4.47 -19.15 9.84
FE4 SF4 C . 6.36 -17.98 11.05
S1 SF4 C . 4.51 -18.78 12.05
S2 SF4 C . 6.03 -17.89 8.82
S3 SF4 C . 7.91 -19.57 11.27
S4 SF4 C . 5.21 -21.27 9.53
O1 MES D . -12.88 -4.63 5.27
C2 MES D . -12.89 -5.65 4.28
C3 MES D . -12.27 -6.92 4.84
N4 MES D . -10.89 -6.68 5.29
C5 MES D . -10.86 -5.57 6.26
C6 MES D . -11.55 -4.32 5.69
C7 MES D . -10.39 -7.91 5.94
C8 MES D . -9.83 -8.90 4.91
S MES D . -9.29 -10.29 5.67
O1S MES D . -10.39 -10.78 6.48
O2S MES D . -8.11 -9.95 6.49
O3S MES D . -8.93 -11.25 4.61
P13 H6P E . -9.47 11.41 -9.51
O14 H6P E . -10.43 11.07 -8.00
O15 H6P E . -8.04 10.30 -9.54
O16 H6P E . -8.82 13.00 -9.35
P17 H6P E . -9.67 14.31 -9.02
O18 H6P E . -11.05 13.99 -9.53
O19 H6P E . -9.57 14.51 -7.53
O20 H6P E . -8.88 15.33 -9.80
C21 H6P E . -12.22 12.54 -12.76
C27 H6P E . -9.81 12.90 -12.10
C28 H6P E . -9.47 11.50 -11.65
O29 H6P E . -10.52 10.99 -10.86
C30 H6P E . -10.98 13.37 -12.57
C31 H6P E . -11.05 14.83 -12.93
O33 H6P E . -9.91 15.56 -12.44
FE1 SF4 F . -12.46 10.44 -16.37
FE2 SF4 F . -11.06 11.55 -18.24
FE3 SF4 F . -10.13 9.36 -17.13
FE4 SF4 F . -10.07 11.55 -15.79
S1 SF4 F . -8.92 11.18 -17.69
S2 SF4 F . -10.88 9.61 -15.01
S3 SF4 F . -11.94 12.63 -16.48
S4 SF4 F . -11.99 9.49 -18.35
O1 MES G . 8.03 -3.71 -11.61
C2 MES G . 6.96 -4.60 -11.95
C3 MES G . 5.96 -3.90 -12.87
N4 MES G . 5.44 -2.66 -12.26
C5 MES G . 6.60 -1.78 -11.97
C6 MES G . 7.57 -2.49 -11.03
C7 MES G . 4.52 -1.94 -13.18
C8 MES G . 3.23 -2.71 -13.48
S MES G . 2.28 -1.81 -14.54
O1S MES G . 2.86 -1.81 -15.90
O2S MES G . 2.18 -0.46 -13.97
O3S MES G . 0.94 -2.39 -14.57
P13 H6P H . 8.59 -12.52 8.58
O14 H6P H . 9.58 -11.88 7.20
O15 H6P H . 6.97 -11.75 8.57
O16 H6P H . 9.35 -11.98 10.03
P17 H6P H . 10.83 -12.27 10.52
O18 H6P H . 11.20 -13.65 10.05
O19 H6P H . 11.60 -11.15 9.86
O20 H6P H . 10.64 -12.13 12.01
C21 H6P H . 9.47 -16.65 9.60
C27 H6P H . 8.48 -14.68 10.79
C28 H6P H . 7.76 -14.07 9.60
O29 H6P H . 8.48 -14.24 8.39
C30 H6P H . 9.24 -15.79 10.81
C31 H6P H . 9.88 -16.20 12.12
O33 H6P H . 10.09 -15.08 12.98
#